data_3P42
#
_entry.id   3P42
#
_cell.length_a   68.831
_cell.length_b   99.980
_cell.length_c   69.020
_cell.angle_alpha   90.00
_cell.angle_beta   91.74
_cell.angle_gamma   90.00
#
_symmetry.space_group_name_H-M   'P 1 21 1'
#
loop_
_entity.id
_entity.type
_entity.pdbx_description
1 polymer 'Predicted protein'
2 non-polymer 'SULFATE ION'
3 water water
#
_entity_poly.entity_id   1
_entity_poly.type   'polypeptide(L)'
_entity_poly.pdbx_seq_one_letter_code
;(MSE)AQG(MSE)VTIYLPGEQQTLSVGPVENVAQLVTQPQLRDRLWWPGALLTDSAAKAKALKDYQHV(MSE)AQLASW
EAEADDDVAATIKSVRQQLLNLNITGRLPVKLDPDFVRVDENSNPPLVGDYTLYTVQRPVTITLLGAVSGAGQLPWLAGR
SVTDYLQDHPRLAGADKNNV(MSE)VITPEGETVVAPVALWNKRHVEPPPGSQLWLGFSAHVLPEKYADLNDQIVSVLTQ
RVPELEHHHHHH
;
_entity_poly.pdbx_strand_id   A,B,C,D
#
loop_
_chem_comp.id
_chem_comp.type
_chem_comp.name
_chem_comp.formula
SO4 non-polymer 'SULFATE ION' 'O4 S -2'
#
# COMPACT_ATOMS: atom_id res chain seq x y z
N GLN A 3 -4.09 23.80 -14.69
CA GLN A 3 -4.81 22.90 -13.79
C GLN A 3 -4.12 21.55 -13.67
N GLY A 4 -4.61 20.69 -12.78
CA GLY A 4 -3.95 19.44 -12.46
C GLY A 4 -4.34 18.29 -13.37
N MSE A 5 -3.34 17.47 -13.72
CA MSE A 5 -3.57 16.19 -14.42
C MSE A 5 -3.02 15.12 -13.50
O MSE A 5 -1.88 15.20 -13.07
CB MSE A 5 -2.84 16.14 -15.75
CG MSE A 5 -3.20 17.26 -16.71
SE MSE A 5 -5.04 17.14 -17.39
CE MSE A 5 -5.18 15.20 -17.56
H MSE A 5 -2.52 17.63 -13.57
HA MSE A 5 -4.54 16.06 -14.57
HB2 MSE A 5 -1.89 16.19 -15.58
HB3 MSE A 5 -3.04 15.30 -16.18
HG2 MSE A 5 -3.11 18.11 -16.25
HG3 MSE A 5 -2.60 17.23 -17.47
HE1 MSE A 5 -6.06 14.97 -17.90
HE2 MSE A 5 -4.51 14.88 -18.18
HE3 MSE A 5 -5.05 14.79 -16.71
N VAL A 6 -3.84 14.14 -13.19
CA VAL A 6 -3.46 13.10 -12.23
C VAL A 6 -3.47 11.74 -12.92
N THR A 7 -2.34 11.03 -12.89
CA THR A 7 -2.31 9.64 -13.27
C THR A 7 -2.58 8.80 -12.03
N ILE A 8 -3.63 7.98 -12.08
CA ILE A 8 -3.97 7.11 -10.96
C ILE A 8 -3.54 5.67 -11.22
N TYR A 9 -2.67 5.14 -10.36
CA TYR A 9 -2.38 3.72 -10.40
C TYR A 9 -3.34 3.00 -9.45
N LEU A 10 -4.10 2.07 -9.98
CA LEU A 10 -5.00 1.26 -9.18
C LEU A 10 -4.20 0.26 -8.33
N PRO A 11 -4.86 -0.37 -7.35
CA PRO A 11 -4.09 -1.27 -6.47
C PRO A 11 -3.40 -2.37 -7.27
N GLY A 12 -2.12 -2.61 -6.96
CA GLY A 12 -1.31 -3.54 -7.70
C GLY A 12 -0.38 -2.84 -8.69
N GLU A 13 -0.73 -1.59 -9.03
CA GLU A 13 0.04 -0.75 -9.97
C GLU A 13 0.13 -1.30 -11.41
N GLN A 14 -0.87 -2.06 -11.84
CA GLN A 14 -0.80 -2.65 -13.18
C GLN A 14 -1.88 -2.13 -14.14
N GLN A 15 -2.74 -1.27 -13.62
CA GLN A 15 -3.69 -0.52 -14.45
C GLN A 15 -3.74 0.91 -13.93
N THR A 16 -3.91 1.85 -14.86
CA THR A 16 -4.04 3.27 -14.52
C THR A 16 -5.35 3.88 -15.00
N LEU A 17 -5.81 4.93 -14.31
CA LEU A 17 -6.86 5.82 -14.79
C LEU A 17 -6.25 7.20 -15.00
N SER A 18 -6.91 8.04 -15.79
CA SER A 18 -6.47 9.42 -15.98
C SER A 18 -7.58 10.39 -15.59
N VAL A 19 -7.29 11.33 -14.69
CA VAL A 19 -8.27 12.32 -14.27
C VAL A 19 -7.72 13.72 -14.47
N GLY A 20 -8.55 14.60 -15.02
CA GLY A 20 -8.14 15.97 -15.25
C GLY A 20 -8.57 16.52 -16.60
N PRO A 21 -8.55 17.84 -16.75
CA PRO A 21 -8.02 18.77 -15.73
C PRO A 21 -8.90 18.91 -14.49
N VAL A 22 -8.29 18.90 -13.30
CA VAL A 22 -9.01 19.18 -12.07
C VAL A 22 -8.38 20.37 -11.39
N GLU A 23 -9.21 21.19 -10.76
CA GLU A 23 -8.72 22.44 -10.18
C GLU A 23 -8.14 22.24 -8.78
N ASN A 24 -8.66 21.26 -8.04
CA ASN A 24 -8.29 21.10 -6.64
C ASN A 24 -8.60 19.71 -6.11
N VAL A 25 -8.11 19.42 -4.91
CA VAL A 25 -8.21 18.09 -4.33
C VAL A 25 -9.68 17.62 -4.17
N ALA A 26 -10.54 18.51 -3.71
CA ALA A 26 -11.95 18.15 -3.50
C ALA A 26 -12.54 17.65 -4.82
N GLN A 27 -12.14 18.26 -5.93
CA GLN A 27 -12.66 17.84 -7.23
C GLN A 27 -12.11 16.47 -7.61
N LEU A 28 -10.85 16.24 -7.28
CA LEU A 28 -10.23 14.97 -7.60
C LEU A 28 -10.91 13.78 -6.87
N VAL A 29 -11.06 13.87 -5.56
CA VAL A 29 -11.50 12.72 -4.77
C VAL A 29 -13.00 12.45 -4.95
N THR A 30 -13.71 13.41 -5.52
CA THR A 30 -15.14 13.25 -5.75
C THR A 30 -15.46 12.80 -7.19
N GLN A 31 -14.45 12.68 -8.06
CA GLN A 31 -14.67 12.12 -9.39
C GLN A 31 -15.42 10.79 -9.26
N PRO A 32 -16.47 10.58 -10.08
CA PRO A 32 -17.29 9.38 -9.98
C PRO A 32 -16.51 8.06 -10.11
N GLN A 33 -15.46 8.03 -10.91
CA GLN A 33 -14.67 6.82 -11.03
C GLN A 33 -13.76 6.55 -9.81
N LEU A 34 -13.63 7.50 -8.88
CA LEU A 34 -12.76 7.32 -7.73
C LEU A 34 -13.46 7.34 -6.37
N ARG A 35 -14.45 8.21 -6.22
CA ARG A 35 -14.94 8.61 -4.89
C ARG A 35 -15.30 7.43 -4.00
N ASP A 36 -16.09 6.51 -4.52
CA ASP A 36 -16.64 5.43 -3.70
C ASP A 36 -15.87 4.15 -3.95
N ARG A 37 -14.76 4.27 -4.68
CA ARG A 37 -13.97 3.10 -5.07
C ARG A 37 -12.67 2.93 -4.27
N LEU A 38 -11.96 4.03 -4.02
CA LEU A 38 -10.62 3.94 -3.44
C LEU A 38 -10.67 3.86 -1.92
N TRP A 39 -9.72 3.13 -1.33
CA TRP A 39 -9.49 3.25 0.10
C TRP A 39 -8.63 4.50 0.33
N TRP A 40 -9.30 5.63 0.55
CA TRP A 40 -8.66 6.94 0.61
C TRP A 40 -7.53 7.12 1.64
N PRO A 41 -7.66 6.53 2.84
CA PRO A 41 -6.54 6.73 3.77
C PRO A 41 -5.20 6.23 3.26
N GLY A 42 -5.18 5.19 2.44
CA GLY A 42 -3.93 4.66 1.97
C GLY A 42 -3.49 5.26 0.64
N ALA A 43 -4.32 6.13 0.05
CA ALA A 43 -4.01 6.74 -1.23
C ALA A 43 -2.86 7.75 -1.07
N LEU A 44 -1.98 7.80 -2.06
CA LEU A 44 -0.77 8.59 -1.92
C LEU A 44 -0.63 9.47 -3.14
N LEU A 45 -0.77 10.77 -2.93
CA LEU A 45 -0.66 11.73 -4.01
C LEU A 45 0.74 12.32 -3.95
N THR A 46 1.40 12.41 -5.10
CA THR A 46 2.74 12.97 -5.13
C THR A 46 3.00 13.66 -6.47
N ASP A 47 4.13 14.36 -6.57
CA ASP A 47 4.55 14.90 -7.86
C ASP A 47 6.06 14.97 -7.91
N SER A 48 6.60 15.41 -9.04
CA SER A 48 8.05 15.39 -9.25
C SER A 48 8.79 16.12 -8.14
N ALA A 49 8.32 17.31 -7.77
CA ALA A 49 8.98 18.10 -6.73
C ALA A 49 8.95 17.46 -5.35
N ALA A 50 7.81 16.89 -4.96
CA ALA A 50 7.70 16.22 -3.67
C ALA A 50 8.61 15.00 -3.64
N LYS A 51 8.70 14.29 -4.77
CA LYS A 51 9.58 13.14 -4.82
C LYS A 51 11.05 13.56 -4.69
N ALA A 52 11.44 14.61 -5.38
CA ALA A 52 12.84 15.02 -5.36
C ALA A 52 13.24 15.40 -3.95
N LYS A 53 12.36 16.13 -3.27
CA LYS A 53 12.67 16.55 -1.91
C LYS A 53 12.76 15.35 -0.99
N ALA A 54 11.84 14.40 -1.13
CA ALA A 54 11.83 13.22 -0.27
C ALA A 54 13.09 12.38 -0.50
N LEU A 55 13.53 12.27 -1.73
CA LEU A 55 14.77 11.54 -2.02
C LEU A 55 15.96 12.21 -1.33
N LYS A 56 16.07 13.52 -1.46
CA LYS A 56 17.17 14.24 -0.79
C LYS A 56 17.12 13.98 0.71
N ASP A 57 15.93 14.12 1.30
CA ASP A 57 15.76 13.90 2.76
C ASP A 57 16.14 12.47 3.16
N TYR A 58 15.71 11.50 2.36
CA TYR A 58 16.00 10.10 2.65
C TYR A 58 17.51 9.81 2.58
N GLN A 59 18.17 10.29 1.54
CA GLN A 59 19.62 10.04 1.41
C GLN A 59 20.36 10.67 2.56
N HIS A 60 19.85 11.79 3.04
CA HIS A 60 20.44 12.46 4.21
C HIS A 60 20.33 11.59 5.46
N VAL A 61 19.15 11.02 5.68
CA VAL A 61 18.93 10.09 6.79
C VAL A 61 19.90 8.91 6.71
N MSE A 62 20.02 8.30 5.53
CA MSE A 62 20.85 7.12 5.39
C MSE A 62 22.31 7.47 5.62
O MSE A 62 23.06 6.66 6.18
CB MSE A 62 20.67 6.49 3.98
CG MSE A 62 19.26 6.05 3.66
SE MSE A 62 18.54 4.79 5.02
CE MSE A 62 19.66 3.28 4.69
H MSE A 62 19.65 8.57 4.80
HA MSE A 62 20.57 6.45 6.04
HB2 MSE A 62 20.94 7.14 3.31
HB3 MSE A 62 21.25 5.70 3.92
HG2 MSE A 62 18.69 6.84 3.64
HG3 MSE A 62 19.25 5.62 2.80
HE1 MSE A 62 19.41 2.57 5.30
HE2 MSE A 62 19.53 2.99 3.78
HE3 MSE A 62 20.58 3.53 4.83
N ALA A 63 22.73 8.66 5.18
CA ALA A 63 24.12 9.06 5.34
C ALA A 63 24.40 9.32 6.82
N GLN A 64 23.45 9.96 7.51
CA GLN A 64 23.63 10.19 8.95
C GLN A 64 23.73 8.85 9.68
N LEU A 65 22.83 7.90 9.35
CA LEU A 65 22.88 6.59 10.01
C LEU A 65 24.24 5.93 9.79
N ALA A 66 24.75 5.97 8.56
CA ALA A 66 26.08 5.41 8.30
C ALA A 66 27.18 6.12 9.10
N SER A 67 27.16 7.45 9.13
CA SER A 67 28.25 8.18 9.82
C SER A 67 28.22 7.88 11.31
N TRP A 68 27.01 7.86 11.87
CA TRP A 68 26.83 7.64 13.30
C TRP A 68 27.26 6.23 13.65
N GLU A 69 26.92 5.28 12.78
CA GLU A 69 27.26 3.90 12.99
C GLU A 69 28.77 3.75 13.15
N ALA A 70 29.53 4.48 12.35
CA ALA A 70 31.00 4.37 12.41
C ALA A 70 31.54 4.92 13.73
N GLU A 71 30.81 5.84 14.34
CA GLU A 71 31.29 6.54 15.52
C GLU A 71 30.74 6.01 16.86
N ALA A 72 29.72 5.16 16.80
CA ALA A 72 28.99 4.74 18.00
C ALA A 72 29.69 3.59 18.74
N ASP A 73 29.29 3.35 19.99
CA ASP A 73 29.73 2.15 20.72
C ASP A 73 29.31 0.94 19.89
N ASP A 74 29.97 -0.20 20.08
CA ASP A 74 29.66 -1.39 19.28
C ASP A 74 28.23 -1.90 19.47
N ASP A 75 27.70 -1.82 20.68
CA ASP A 75 26.32 -2.32 20.85
C ASP A 75 25.36 -1.39 20.09
N VAL A 76 25.54 -0.08 20.24
CA VAL A 76 24.69 0.88 19.56
C VAL A 76 24.88 0.74 18.04
N ALA A 77 26.12 0.54 17.61
CA ALA A 77 26.38 0.41 16.17
C ALA A 77 25.60 -0.75 15.57
N ALA A 78 25.47 -1.86 16.30
CA ALA A 78 24.71 -3.01 15.79
C ALA A 78 23.20 -2.68 15.63
N THR A 79 22.66 -1.93 16.57
CA THR A 79 21.28 -1.45 16.43
C THR A 79 21.13 -0.54 15.21
N ILE A 80 22.06 0.40 15.03
CA ILE A 80 22.01 1.29 13.89
C ILE A 80 22.08 0.51 12.58
N LYS A 81 22.95 -0.50 12.54
CA LYS A 81 23.06 -1.33 11.35
C LYS A 81 21.73 -2.00 11.00
N SER A 82 21.03 -2.47 12.02
CA SER A 82 19.72 -3.08 11.79
C SER A 82 18.72 -2.07 11.25
N VAL A 83 18.70 -0.88 11.83
CA VAL A 83 17.76 0.16 11.39
C VAL A 83 18.08 0.54 9.95
N ARG A 84 19.36 0.69 9.66
CA ARG A 84 19.81 1.04 8.34
C ARG A 84 19.30 -0.04 7.37
N GLN A 85 19.43 -1.31 7.72
CA GLN A 85 19.00 -2.38 6.82
C GLN A 85 17.49 -2.37 6.62
N GLN A 86 16.74 -2.00 7.66
CA GLN A 86 15.29 -1.93 7.51
C GLN A 86 14.90 -0.83 6.53
N LEU A 87 15.72 0.22 6.45
CA LEU A 87 15.39 1.38 5.62
C LEU A 87 16.02 1.34 4.22
N LEU A 88 16.92 0.40 3.99
CA LEU A 88 17.73 0.36 2.76
C LEU A 88 16.92 0.27 1.47
N ASN A 89 15.75 -0.34 1.52
CA ASN A 89 15.03 -0.61 0.27
C ASN A 89 13.69 0.10 0.13
N LEU A 90 13.48 1.15 0.93
CA LEU A 90 12.35 2.04 0.73
C LEU A 90 12.35 2.51 -0.72
N ASN A 91 11.16 2.56 -1.33
CA ASN A 91 11.06 3.12 -2.66
C ASN A 91 10.46 4.51 -2.49
N ILE A 92 11.27 5.53 -2.69
CA ILE A 92 10.89 6.88 -2.28
C ILE A 92 10.01 7.50 -3.36
N THR A 93 8.80 7.87 -2.99
CA THR A 93 7.85 8.48 -3.92
C THR A 93 7.62 9.95 -3.58
N GLY A 94 7.94 10.34 -2.35
CA GLY A 94 7.46 11.61 -1.83
C GLY A 94 5.96 11.50 -1.60
N ARG A 95 5.39 12.49 -0.92
CA ARG A 95 3.96 12.52 -0.68
C ARG A 95 3.56 13.94 -0.36
N LEU A 96 2.49 14.42 -0.99
CA LEU A 96 1.97 15.74 -0.65
C LEU A 96 1.11 15.60 0.61
N PRO A 97 1.14 16.61 1.48
CA PRO A 97 0.46 16.50 2.78
C PRO A 97 -1.07 16.67 2.71
N VAL A 98 -1.68 16.51 1.54
CA VAL A 98 -3.12 16.75 1.40
C VAL A 98 -3.93 15.61 2.04
N LYS A 99 -5.08 15.95 2.60
CA LYS A 99 -6.00 14.96 3.13
C LYS A 99 -6.99 14.58 2.04
N LEU A 100 -7.04 13.31 1.68
CA LEU A 100 -7.83 12.92 0.50
C LEU A 100 -9.29 12.51 0.82
N ASP A 101 -9.55 12.08 2.04
CA ASP A 101 -10.85 11.50 2.36
C ASP A 101 -12.02 12.42 1.97
N PRO A 102 -12.98 11.90 1.18
CA PRO A 102 -14.16 12.71 0.82
C PRO A 102 -15.05 13.09 2.01
N ASP A 103 -14.91 12.40 3.13
CA ASP A 103 -15.79 12.60 4.28
C ASP A 103 -15.22 13.54 5.34
N PHE A 104 -14.05 14.12 5.06
CA PHE A 104 -13.38 15.04 5.98
C PHE A 104 -14.05 16.42 5.93
N VAL A 105 -14.20 17.09 7.07
CA VAL A 105 -14.73 18.45 7.08
C VAL A 105 -13.57 19.43 6.86
N ARG A 106 -13.54 20.13 5.73
CA ARG A 106 -12.39 21.01 5.44
C ARG A 106 -12.61 22.40 6.00
N VAL A 107 -11.73 22.83 6.88
CA VAL A 107 -11.85 24.15 7.50
C VAL A 107 -10.69 25.02 7.01
N ASP A 108 -11.00 26.23 6.58
CA ASP A 108 -10.04 27.15 5.93
C ASP A 108 -9.89 26.83 4.45
N GLU A 109 -9.85 27.88 3.66
CA GLU A 109 -9.74 27.79 2.20
C GLU A 109 -8.54 26.94 1.77
N ASN A 110 -7.47 27.00 2.56
CA ASN A 110 -6.22 26.35 2.18
C ASN A 110 -6.25 24.85 2.41
N SER A 111 -7.32 24.38 3.08
CA SER A 111 -7.51 22.95 3.31
C SER A 111 -8.07 22.20 2.10
N ASN A 112 -8.30 22.92 0.99
CA ASN A 112 -8.65 22.29 -0.29
C ASN A 112 -7.63 22.74 -1.31
N PRO A 113 -6.47 22.09 -1.32
CA PRO A 113 -5.33 22.62 -2.07
C PRO A 113 -5.59 22.66 -3.57
N PRO A 114 -5.17 23.74 -4.24
CA PRO A 114 -5.20 23.76 -5.70
C PRO A 114 -4.26 22.72 -6.30
N LEU A 115 -4.65 22.15 -7.44
CA LEU A 115 -3.80 21.21 -8.16
C LEU A 115 -3.32 21.88 -9.44
N VAL A 116 -2.02 22.00 -9.59
CA VAL A 116 -1.42 22.59 -10.79
C VAL A 116 -0.34 21.66 -11.33
N GLY A 117 -0.43 21.29 -12.60
CA GLY A 117 0.58 20.43 -13.18
C GLY A 117 0.24 18.96 -13.06
N ASP A 118 1.26 18.12 -13.18
CA ASP A 118 1.08 16.67 -13.22
C ASP A 118 1.28 16.06 -11.83
N TYR A 119 0.51 15.01 -11.53
CA TYR A 119 0.56 14.31 -10.26
C TYR A 119 0.40 12.83 -10.47
N THR A 120 0.85 12.05 -9.50
CA THR A 120 0.61 10.63 -9.52
C THR A 120 -0.12 10.25 -8.24
N LEU A 121 -1.16 9.43 -8.38
CA LEU A 121 -1.87 8.88 -7.22
C LEU A 121 -1.67 7.37 -7.18
N TYR A 122 -0.99 6.89 -6.14
CA TYR A 122 -0.89 5.45 -5.88
C TYR A 122 -1.96 5.05 -4.88
N THR A 123 -2.49 3.84 -5.02
CA THR A 123 -3.56 3.38 -4.15
C THR A 123 -3.30 1.96 -3.67
N VAL A 124 -3.86 1.64 -2.50
CA VAL A 124 -3.80 0.28 -1.96
C VAL A 124 -5.17 -0.06 -1.38
N GLN A 125 -5.43 -1.35 -1.17
CA GLN A 125 -6.60 -1.75 -0.42
C GLN A 125 -6.24 -1.76 1.06
N ARG A 126 -7.23 -1.63 1.94
CA ARG A 126 -6.96 -1.61 3.38
C ARG A 126 -6.27 -2.91 3.81
N PRO A 127 -5.10 -2.81 4.45
CA PRO A 127 -4.31 -4.00 4.79
C PRO A 127 -4.85 -4.78 5.98
N VAL A 128 -4.26 -5.93 6.28
CA VAL A 128 -4.64 -6.72 7.44
C VAL A 128 -3.42 -6.88 8.36
N THR A 129 -2.45 -6.00 8.15
CA THR A 129 -1.21 -6.04 8.91
C THR A 129 -0.83 -4.64 9.35
N ILE A 130 0.14 -4.56 10.24
CA ILE A 130 0.83 -3.30 10.51
C ILE A 130 2.32 -3.55 10.29
N THR A 131 3.11 -2.50 10.27
CA THR A 131 4.54 -2.65 10.05
C THR A 131 5.26 -2.11 11.27
N LEU A 132 6.12 -2.92 11.88
CA LEU A 132 6.91 -2.49 13.02
C LEU A 132 8.35 -2.21 12.54
N LEU A 133 8.89 -1.03 12.84
CA LEU A 133 10.25 -0.64 12.39
C LEU A 133 11.04 0.00 13.50
N GLY A 134 12.37 -0.03 13.39
CA GLY A 134 13.19 0.73 14.30
C GLY A 134 14.09 -0.11 15.18
N ALA A 135 14.33 0.38 16.38
CA ALA A 135 15.31 -0.21 17.29
C ALA A 135 14.60 -1.31 18.07
N VAL A 136 14.12 -2.29 17.35
CA VAL A 136 13.28 -3.34 17.93
C VAL A 136 13.56 -4.66 17.20
N SER A 137 13.61 -5.76 17.96
CA SER A 137 13.81 -7.08 17.39
C SER A 137 12.54 -7.58 16.68
N GLY A 138 12.73 -8.41 15.66
CA GLY A 138 11.63 -8.97 14.89
C GLY A 138 10.87 -7.91 14.12
N ALA A 139 11.56 -6.91 13.60
CA ALA A 139 10.90 -5.89 12.80
C ALA A 139 10.27 -6.50 11.55
N GLY A 140 9.19 -5.88 11.06
CA GLY A 140 8.59 -6.30 9.81
C GLY A 140 7.09 -6.26 9.92
N GLN A 141 6.40 -6.99 9.04
CA GLN A 141 4.94 -7.05 9.10
C GLN A 141 4.42 -7.95 10.24
N LEU A 142 3.44 -7.44 10.97
CA LEU A 142 2.72 -8.18 12.00
C LEU A 142 1.23 -8.24 11.64
N PRO A 143 0.56 -9.35 11.96
CA PRO A 143 -0.90 -9.38 11.78
C PRO A 143 -1.59 -8.32 12.61
N TRP A 144 -2.51 -7.58 12.02
CA TRP A 144 -3.31 -6.65 12.78
C TRP A 144 -4.40 -7.39 13.54
N LEU A 145 -4.60 -7.05 14.81
CA LEU A 145 -5.61 -7.74 15.64
C LEU A 145 -6.52 -6.72 16.32
N ALA A 146 -7.83 -6.89 16.15
CA ALA A 146 -8.80 -5.97 16.71
C ALA A 146 -8.60 -5.83 18.22
N GLY A 147 -8.50 -4.59 18.68
CA GLY A 147 -8.43 -4.30 20.10
C GLY A 147 -7.03 -4.21 20.68
N ARG A 148 -6.02 -4.59 19.90
CA ARG A 148 -4.65 -4.70 20.39
C ARG A 148 -3.99 -3.33 20.43
N SER A 149 -3.38 -3.02 21.58
CA SER A 149 -2.70 -1.77 21.77
C SER A 149 -1.25 -1.89 21.29
N VAL A 150 -0.57 -0.75 21.20
CA VAL A 150 0.85 -0.72 20.82
C VAL A 150 1.68 -1.54 21.81
N THR A 151 1.42 -1.39 23.11
CA THR A 151 2.16 -2.16 24.10
C THR A 151 1.86 -3.66 23.97
N ASP A 152 0.63 -4.03 23.58
CA ASP A 152 0.33 -5.45 23.31
C ASP A 152 1.24 -6.00 22.22
N TYR A 153 1.30 -5.28 21.10
CA TYR A 153 2.12 -5.72 19.98
C TYR A 153 3.59 -5.88 20.43
N LEU A 154 4.06 -4.96 21.26
CA LEU A 154 5.49 -4.97 21.61
C LEU A 154 5.88 -6.07 22.59
N GLN A 155 4.91 -6.75 23.18
CA GLN A 155 5.24 -7.77 24.15
C GLN A 155 6.14 -8.85 23.54
N ASP A 156 5.96 -9.11 22.25
CA ASP A 156 6.74 -10.11 21.54
C ASP A 156 7.97 -9.57 20.77
N HIS A 157 8.33 -8.32 21.00
CA HIS A 157 9.40 -7.69 20.25
C HIS A 157 10.34 -6.94 21.18
N PRO A 158 11.37 -7.65 21.67
CA PRO A 158 12.34 -7.03 22.57
C PRO A 158 12.95 -5.80 21.93
N ARG A 159 13.25 -4.80 22.76
CA ARG A 159 13.83 -3.56 22.27
C ARG A 159 15.34 -3.78 22.13
N LEU A 160 15.96 -3.03 21.22
CA LEU A 160 17.39 -3.15 20.97
C LEU A 160 18.17 -2.09 21.72
N ALA A 161 19.48 -2.31 21.88
CA ALA A 161 20.32 -1.34 22.58
C ALA A 161 20.14 0.03 21.95
N GLY A 162 19.98 1.05 22.80
CA GLY A 162 19.85 2.41 22.36
C GLY A 162 18.42 2.83 21.98
N ALA A 163 17.45 1.93 22.16
CA ALA A 163 16.06 2.26 21.85
C ALA A 163 15.50 3.33 22.79
N ASP A 164 14.64 4.20 22.24
CA ASP A 164 13.81 5.12 23.02
C ASP A 164 13.09 4.25 24.06
N LYS A 165 13.18 4.64 25.34
CA LYS A 165 12.57 3.85 26.40
C LYS A 165 11.13 4.25 26.68
N ASN A 166 10.69 5.36 26.10
CA ASN A 166 9.40 5.99 26.48
C ASN A 166 8.28 5.91 25.46
N ASN A 167 8.60 6.01 24.17
CA ASN A 167 7.57 6.22 23.17
C ASN A 167 7.81 5.47 21.88
N VAL A 168 6.70 5.08 21.27
CA VAL A 168 6.63 4.64 19.88
C VAL A 168 5.90 5.70 19.06
N MSE A 169 6.31 5.92 17.82
CA MSE A 169 5.52 6.75 16.92
C MSE A 169 4.59 5.88 16.07
O MSE A 169 5.07 5.03 15.31
CB MSE A 169 6.39 7.61 16.00
CG MSE A 169 5.57 8.70 15.26
SE MSE A 169 4.87 10.08 16.54
CE MSE A 169 6.36 10.04 17.82
H MSE A 169 7.04 5.60 17.48
HA MSE A 169 4.96 7.36 17.46
HB2 MSE A 169 7.07 8.04 16.52
HB3 MSE A 169 6.78 7.03 15.32
HG2 MSE A 169 6.13 9.14 14.62
HG3 MSE A 169 4.81 8.28 14.82
HE1 MSE A 169 6.20 10.67 18.52
HE2 MSE A 169 6.45 9.15 18.18
HE3 MSE A 169 7.18 10.28 17.36
N VAL A 170 3.29 6.12 16.18
CA VAL A 170 2.35 5.49 15.25
C VAL A 170 2.18 6.41 14.05
N ILE A 171 2.41 5.87 12.85
CA ILE A 171 2.19 6.61 11.63
C ILE A 171 1.05 5.94 10.87
N THR A 172 -0.11 6.60 10.82
CA THR A 172 -1.26 5.99 10.16
C THR A 172 -1.05 5.91 8.63
N PRO A 173 -1.90 5.16 7.93
CA PRO A 173 -1.76 5.10 6.48
C PRO A 173 -1.83 6.49 5.80
N GLU A 174 -2.58 7.44 6.35
CA GLU A 174 -2.65 8.82 5.79
C GLU A 174 -1.38 9.63 5.98
N GLY A 175 -0.48 9.18 6.83
CA GLY A 175 0.72 9.92 7.12
C GLY A 175 0.63 10.76 8.38
N GLU A 176 -0.45 10.62 9.16
CA GLU A 176 -0.56 11.33 10.42
C GLU A 176 0.19 10.58 11.52
N THR A 177 0.69 11.29 12.52
CA THR A 177 1.48 10.62 13.54
C THR A 177 0.84 10.77 14.91
N VAL A 178 0.86 9.68 15.67
CA VAL A 178 0.40 9.71 17.04
C VAL A 178 1.52 9.19 17.94
N VAL A 179 1.81 9.92 19.00
CA VAL A 179 2.78 9.45 19.97
C VAL A 179 2.10 8.36 20.81
N ALA A 180 2.78 7.22 20.95
CA ALA A 180 2.24 6.08 21.70
C ALA A 180 3.19 5.72 22.83
N PRO A 181 2.85 6.11 24.07
CA PRO A 181 3.73 5.80 25.19
C PRO A 181 3.88 4.31 25.36
N VAL A 182 5.05 3.87 25.80
CA VAL A 182 5.28 2.45 26.00
C VAL A 182 6.00 2.19 27.31
N ALA A 183 6.09 3.18 28.19
CA ALA A 183 6.63 2.92 29.52
C ALA A 183 5.52 2.91 30.56
N LEU A 184 5.83 2.41 31.74
CA LEU A 184 4.86 2.41 32.83
C LEU A 184 4.49 3.84 33.23
N TRP A 185 5.49 4.70 33.34
CA TRP A 185 5.27 6.00 33.97
C TRP A 185 4.41 6.91 33.09
N ASN A 186 4.41 6.69 31.78
CA ASN A 186 3.67 7.59 30.87
C ASN A 186 2.53 6.86 30.14
N LYS A 187 2.15 5.71 30.70
CA LYS A 187 1.21 4.80 30.05
C LYS A 187 0.01 5.51 29.44
N ARG A 188 -0.28 5.19 28.18
CA ARG A 188 -1.47 5.68 27.51
C ARG A 188 -1.87 4.65 26.45
N HIS A 189 -3.09 4.15 26.57
CA HIS A 189 -3.60 3.13 25.66
C HIS A 189 -3.87 3.66 24.24
N VAL A 190 -3.20 3.06 23.24
CA VAL A 190 -3.33 3.48 21.85
C VAL A 190 -3.42 2.25 20.95
N GLU A 191 -4.45 2.18 20.10
CA GLU A 191 -4.64 1.01 19.25
C GLU A 191 -4.45 1.46 17.82
N PRO A 192 -3.38 0.97 17.17
CA PRO A 192 -3.06 1.44 15.81
C PRO A 192 -3.97 0.82 14.77
N PRO A 193 -4.44 1.62 13.80
CA PRO A 193 -5.33 1.06 12.80
C PRO A 193 -4.60 0.24 11.74
N PRO A 194 -5.34 -0.56 10.97
CA PRO A 194 -4.76 -1.42 9.93
C PRO A 194 -3.86 -0.62 8.99
N GLY A 195 -2.63 -1.07 8.81
CA GLY A 195 -1.75 -0.48 7.81
C GLY A 195 -0.80 0.56 8.37
N SER A 196 -0.93 0.84 9.66
CA SER A 196 -0.05 1.79 10.34
C SER A 196 1.38 1.26 10.35
N GLN A 197 2.32 2.17 10.51
CA GLN A 197 3.69 1.86 10.85
C GLN A 197 3.90 2.17 12.34
N LEU A 198 4.62 1.31 13.04
CA LEU A 198 5.04 1.60 14.43
C LEU A 198 6.53 1.79 14.39
N TRP A 199 6.99 3.02 14.62
CA TRP A 199 8.41 3.35 14.62
C TRP A 199 8.91 3.48 16.06
N LEU A 200 9.93 2.69 16.39
CA LEU A 200 10.58 2.80 17.70
C LEU A 200 11.97 3.39 17.45
N GLY A 201 12.15 4.66 17.82
CA GLY A 201 13.38 5.39 17.49
C GLY A 201 14.48 5.25 18.50
N PHE A 202 15.49 6.13 18.41
CA PHE A 202 16.65 6.08 19.28
C PHE A 202 16.43 6.94 20.53
N SER A 203 16.96 6.53 21.67
CA SER A 203 16.86 7.32 22.89
C SER A 203 17.57 8.66 22.73
N ALA A 204 17.04 9.71 23.37
CA ALA A 204 17.74 10.99 23.39
C ALA A 204 19.12 10.82 24.01
N HIS A 205 19.25 9.88 24.94
CA HIS A 205 20.50 9.73 25.66
C HIS A 205 21.61 9.24 24.73
N VAL A 206 21.27 8.38 23.79
CA VAL A 206 22.29 7.76 22.93
C VAL A 206 22.60 8.58 21.68
N LEU A 207 21.69 9.47 21.28
CA LEU A 207 21.89 10.25 20.05
C LEU A 207 22.84 11.42 20.28
N PRO A 208 23.97 11.44 19.57
CA PRO A 208 24.82 12.61 19.72
C PRO A 208 24.17 13.87 19.17
N GLU A 209 24.60 15.02 19.67
CA GLU A 209 23.99 16.28 19.28
C GLU A 209 23.98 16.50 17.77
N LYS A 210 25.04 16.07 17.07
CA LYS A 210 25.09 16.29 15.64
C LYS A 210 24.02 15.48 14.88
N TYR A 211 23.46 14.46 15.52
CA TYR A 211 22.40 13.66 14.88
C TYR A 211 21.08 13.86 15.63
N ALA A 212 20.91 14.99 16.31
CA ALA A 212 19.79 15.17 17.23
C ALA A 212 18.43 15.05 16.53
N ASP A 213 18.35 15.51 15.28
CA ASP A 213 17.09 15.55 14.55
C ASP A 213 16.72 14.21 13.91
N LEU A 214 17.53 13.18 14.15
CA LEU A 214 17.50 12.01 13.29
C LEU A 214 16.16 11.25 13.45
N ASN A 215 15.64 11.16 14.66
CA ASN A 215 14.35 10.50 14.84
C ASN A 215 13.26 11.20 14.02
N ASP A 216 13.22 12.53 14.11
CA ASP A 216 12.22 13.29 13.39
C ASP A 216 12.39 13.17 11.89
N GLN A 217 13.64 13.08 11.45
CA GLN A 217 13.94 12.99 10.02
C GLN A 217 13.47 11.65 9.48
N ILE A 218 13.65 10.61 10.29
CA ILE A 218 13.19 9.27 9.88
C ILE A 218 11.66 9.24 9.84
N VAL A 219 11.03 9.79 10.86
CA VAL A 219 9.57 9.82 10.87
C VAL A 219 9.02 10.54 9.65
N SER A 220 9.63 11.67 9.31
CA SER A 220 9.23 12.43 8.13
C SER A 220 9.36 11.56 6.86
N VAL A 221 10.42 10.76 6.77
CA VAL A 221 10.54 9.83 5.64
C VAL A 221 9.37 8.83 5.63
N LEU A 222 9.07 8.25 6.78
CA LEU A 222 8.03 7.22 6.88
C LEU A 222 6.62 7.74 6.64
N THR A 223 6.34 9.00 6.99
CA THR A 223 5.00 9.57 6.77
C THR A 223 4.72 9.74 5.30
N GLN A 224 5.78 9.68 4.48
CA GLN A 224 5.59 9.85 3.04
C GLN A 224 5.59 8.54 2.28
N ARG A 225 5.43 7.43 2.98
CA ARG A 225 5.39 6.18 2.27
C ARG A 225 4.25 5.30 2.72
N VAL A 226 3.83 4.43 1.81
CA VAL A 226 2.80 3.47 2.10
C VAL A 226 3.44 2.09 1.93
N PRO A 227 3.69 1.39 3.03
CA PRO A 227 4.47 0.14 2.99
C PRO A 227 4.01 -0.88 1.93
N GLU A 228 2.71 -1.02 1.72
CA GLU A 228 2.22 -2.07 0.82
C GLU A 228 2.71 -1.88 -0.61
N LEU A 229 2.89 -0.64 -1.04
CA LEU A 229 3.30 -0.36 -2.42
C LEU A 229 4.48 -1.20 -2.87
N GLU A 230 5.38 -1.54 -1.95
CA GLU A 230 6.57 -2.28 -2.33
C GLU A 230 6.17 -3.63 -2.96
N HIS A 231 6.05 -3.59 -4.29
CA HIS A 231 5.49 -4.67 -5.12
C HIS A 231 6.55 -5.29 -6.02
N HIS A 232 7.76 -4.75 -5.97
CA HIS A 232 8.72 -4.86 -7.08
C HIS A 232 9.15 -6.29 -7.40
N HIS A 233 9.51 -6.52 -8.66
CA HIS A 233 9.86 -7.85 -9.14
C HIS A 233 11.36 -8.12 -9.06
N HIS A 234 12.15 -7.24 -9.69
CA HIS A 234 13.58 -7.50 -9.84
C HIS A 234 14.45 -6.61 -8.95
N HIS A 235 13.87 -6.02 -7.92
CA HIS A 235 14.66 -5.37 -6.89
C HIS A 235 13.97 -5.46 -5.53
N HIS A 236 14.74 -5.34 -4.46
CA HIS A 236 14.23 -5.53 -3.11
C HIS A 236 13.55 -4.28 -2.56
N ALA B 2 -17.54 -13.27 23.39
CA ALA B 2 -18.49 -12.60 22.50
C ALA B 2 -19.91 -12.75 23.03
N GLN B 3 -20.63 -11.63 23.10
CA GLN B 3 -21.98 -11.64 23.64
C GLN B 3 -22.88 -10.57 23.04
N GLY B 4 -22.44 -9.96 21.93
CA GLY B 4 -23.26 -9.00 21.21
C GLY B 4 -23.68 -9.59 19.87
N MSE B 5 -24.97 -9.55 19.57
CA MSE B 5 -25.49 -10.02 18.29
C MSE B 5 -26.04 -8.83 17.52
O MSE B 5 -26.84 -8.05 18.05
CB MSE B 5 -26.61 -11.05 18.48
CG MSE B 5 -26.15 -12.38 19.05
SE MSE B 5 -24.98 -13.35 17.82
CE MSE B 5 -26.09 -13.30 16.22
H MSE B 5 -25.58 -9.25 20.10
HA MSE B 5 -24.77 -10.44 17.77
HB2 MSE B 5 -27.26 -10.69 19.11
HB3 MSE B 5 -27.03 -11.22 17.63
HG2 MSE B 5 -25.67 -12.23 19.87
HG3 MSE B 5 -26.93 -12.94 19.22
HE1 MSE B 5 -25.63 -13.76 15.51
HE2 MSE B 5 -26.92 -13.75 16.41
HE3 MSE B 5 -26.25 -12.39 15.98
N VAL B 6 -25.65 -8.68 16.27
CA VAL B 6 -25.95 -7.46 15.54
C VAL B 6 -26.72 -7.74 14.28
N THR B 7 -27.91 -7.14 14.20
CA THR B 7 -28.71 -7.21 12.99
C THR B 7 -28.37 -6.03 12.08
N ILE B 8 -28.03 -6.33 10.82
CA ILE B 8 -27.54 -5.31 9.90
C ILE B 8 -28.51 -5.09 8.74
N TYR B 9 -28.98 -3.85 8.60
CA TYR B 9 -29.85 -3.48 7.49
C TYR B 9 -29.03 -2.84 6.39
N LEU B 10 -29.03 -3.48 5.22
CA LEU B 10 -28.38 -2.90 4.04
C LEU B 10 -29.43 -2.16 3.23
N PRO B 11 -28.99 -1.18 2.43
CA PRO B 11 -29.90 -0.40 1.59
C PRO B 11 -30.30 -1.17 0.33
N GLY B 12 -31.56 -1.05 -0.08
CA GLY B 12 -32.04 -1.67 -1.30
C GLY B 12 -32.16 -3.18 -1.22
N GLU B 13 -32.10 -3.72 -0.01
CA GLU B 13 -32.24 -5.16 0.20
C GLU B 13 -33.29 -5.44 1.26
N GLN B 14 -34.09 -6.47 1.04
CA GLN B 14 -35.13 -6.85 1.99
C GLN B 14 -34.54 -7.59 3.17
N GLN B 15 -33.54 -8.43 2.90
CA GLN B 15 -32.98 -9.30 3.93
C GLN B 15 -31.80 -8.69 4.67
N THR B 16 -31.86 -8.77 5.99
CA THR B 16 -30.80 -8.27 6.87
C THR B 16 -29.76 -9.34 7.09
N LEU B 17 -28.59 -8.93 7.57
CA LEU B 17 -27.52 -9.86 7.95
C LEU B 17 -27.47 -10.05 9.46
N SER B 18 -26.97 -11.20 9.91
CA SER B 18 -26.79 -11.45 11.34
C SER B 18 -25.32 -11.68 11.65
N VAL B 19 -24.68 -10.67 12.21
CA VAL B 19 -23.27 -10.74 12.56
C VAL B 19 -23.09 -10.93 14.07
N GLY B 20 -22.25 -11.88 14.45
CA GLY B 20 -21.97 -12.11 15.85
C GLY B 20 -21.83 -13.59 16.18
N PRO B 21 -21.49 -13.87 17.44
CA PRO B 21 -21.35 -12.83 18.46
C PRO B 21 -20.02 -12.06 18.38
N VAL B 22 -20.07 -10.77 18.70
CA VAL B 22 -18.85 -9.97 18.88
C VAL B 22 -18.78 -9.42 20.30
N GLU B 23 -17.56 -9.25 20.81
CA GLU B 23 -17.33 -8.83 22.19
C GLU B 23 -17.28 -7.32 22.33
N ASN B 24 -16.90 -6.62 21.26
CA ASN B 24 -16.68 -5.19 21.35
C ASN B 24 -16.75 -4.50 19.98
N VAL B 25 -16.67 -3.17 19.99
CA VAL B 25 -16.84 -2.40 18.77
C VAL B 25 -15.78 -2.77 17.74
N ALA B 26 -14.53 -2.90 18.17
CA ALA B 26 -13.42 -3.15 17.25
C ALA B 26 -13.66 -4.44 16.49
N GLN B 27 -14.23 -5.45 17.15
CA GLN B 27 -14.52 -6.71 16.49
C GLN B 27 -15.65 -6.61 15.49
N LEU B 28 -16.68 -5.83 15.81
CA LEU B 28 -17.79 -5.63 14.89
C LEU B 28 -17.28 -4.98 13.60
N VAL B 29 -16.52 -3.91 13.75
CA VAL B 29 -16.11 -3.08 12.62
C VAL B 29 -15.19 -3.83 11.67
N THR B 30 -14.49 -4.82 12.21
CA THR B 30 -13.51 -5.56 11.41
C THR B 30 -14.06 -6.93 10.96
N GLN B 31 -15.34 -7.21 11.23
CA GLN B 31 -15.95 -8.44 10.73
C GLN B 31 -15.75 -8.55 9.22
N PRO B 32 -15.40 -9.75 8.74
CA PRO B 32 -15.06 -9.96 7.31
C PRO B 32 -16.13 -9.49 6.34
N GLN B 33 -17.40 -9.60 6.70
CA GLN B 33 -18.46 -9.23 5.76
C GLN B 33 -18.77 -7.75 5.76
N LEU B 34 -18.20 -7.02 6.73
CA LEU B 34 -18.53 -5.62 6.91
C LEU B 34 -17.36 -4.67 6.67
N ARG B 35 -16.16 -5.05 7.11
CA ARG B 35 -15.06 -4.09 7.23
C ARG B 35 -14.86 -3.26 5.97
N ASP B 36 -14.68 -3.95 4.85
CA ASP B 36 -14.34 -3.30 3.58
C ASP B 36 -15.57 -3.05 2.73
N ARG B 37 -16.74 -3.36 3.26
CA ARG B 37 -17.99 -3.24 2.49
C ARG B 37 -18.77 -1.93 2.77
N LEU B 38 -18.89 -1.56 4.03
CA LEU B 38 -19.79 -0.46 4.39
C LEU B 38 -19.15 0.91 4.15
N TRP B 39 -19.98 1.91 3.88
CA TRP B 39 -19.60 3.30 4.09
C TRP B 39 -19.77 3.62 5.57
N TRP B 40 -18.69 3.48 6.35
CA TRP B 40 -18.80 3.50 7.81
C TRP B 40 -19.30 4.83 8.40
N PRO B 41 -18.92 5.97 7.80
CA PRO B 41 -19.45 7.23 8.35
C PRO B 41 -20.99 7.28 8.43
N GLY B 42 -21.65 6.58 7.54
CA GLY B 42 -23.10 6.56 7.54
C GLY B 42 -23.67 5.40 8.34
N ALA B 43 -22.81 4.53 8.85
CA ALA B 43 -23.30 3.39 9.63
C ALA B 43 -23.79 3.88 10.98
N LEU B 44 -24.97 3.42 11.40
CA LEU B 44 -25.51 3.80 12.70
C LEU B 44 -25.82 2.57 13.58
N LEU B 45 -25.25 2.54 14.78
CA LEU B 45 -25.43 1.42 15.70
C LEU B 45 -26.31 1.84 16.87
N THR B 46 -27.33 1.06 17.16
CA THR B 46 -28.23 1.39 18.26
C THR B 46 -28.80 0.13 18.92
N ASP B 47 -29.55 0.29 20.00
CA ASP B 47 -30.23 -0.83 20.63
C ASP B 47 -31.52 -0.32 21.28
N SER B 48 -32.26 -1.20 21.92
CA SER B 48 -33.56 -0.82 22.44
C SER B 48 -33.50 0.40 23.36
N ALA B 49 -32.55 0.39 24.29
CA ALA B 49 -32.49 1.47 25.27
C ALA B 49 -32.10 2.80 24.61
N ALA B 50 -31.17 2.76 23.67
CA ALA B 50 -30.71 4.00 23.04
C ALA B 50 -31.86 4.60 22.21
N LYS B 51 -32.66 3.75 21.58
CA LYS B 51 -33.82 4.23 20.83
C LYS B 51 -34.88 4.84 21.76
N ALA B 52 -35.17 4.15 22.87
CA ALA B 52 -36.16 4.64 23.83
C ALA B 52 -35.75 6.01 24.36
N LYS B 53 -34.48 6.18 24.66
CA LYS B 53 -33.99 7.46 25.17
C LYS B 53 -34.11 8.56 24.11
N ALA B 54 -33.75 8.24 22.88
CA ALA B 54 -33.77 9.23 21.80
C ALA B 54 -35.22 9.61 21.52
N LEU B 55 -36.13 8.66 21.68
CA LEU B 55 -37.53 8.95 21.43
C LEU B 55 -38.07 9.94 22.46
N LYS B 56 -37.69 9.78 23.71
CA LYS B 56 -38.15 10.72 24.74
C LYS B 56 -37.51 12.11 24.55
N ASP B 57 -36.25 12.15 24.16
CA ASP B 57 -35.61 13.43 23.89
C ASP B 57 -36.35 14.15 22.76
N TYR B 58 -36.71 13.39 21.73
CA TYR B 58 -37.37 13.93 20.56
C TYR B 58 -38.76 14.44 20.91
N GLN B 59 -39.47 13.65 21.70
CA GLN B 59 -40.80 14.05 22.15
C GLN B 59 -40.70 15.33 23.01
N HIS B 60 -39.67 15.41 23.85
CA HIS B 60 -39.46 16.60 24.67
C HIS B 60 -39.19 17.84 23.78
N VAL B 61 -38.40 17.67 22.71
CA VAL B 61 -38.14 18.78 21.78
C VAL B 61 -39.44 19.23 21.09
N MSE B 62 -40.23 18.29 20.59
CA MSE B 62 -41.47 18.66 19.90
C MSE B 62 -42.46 19.33 20.86
O MSE B 62 -43.19 20.25 20.45
CB MSE B 62 -42.12 17.44 19.22
CG MSE B 62 -41.23 16.72 18.21
SE MSE B 62 -40.58 17.94 16.80
CE MSE B 62 -42.11 17.86 15.61
H MSE B 62 -40.08 17.44 20.63
HA MSE B 62 -41.24 19.29 19.19
HB2 MSE B 62 -42.37 16.80 19.91
HB3 MSE B 62 -42.92 17.73 18.75
HG2 MSE B 62 -40.45 16.36 18.67
HG3 MSE B 62 -41.73 16.00 17.79
HE1 MSE B 62 -41.94 18.41 14.85
HE2 MSE B 62 -42.23 16.94 15.33
HE3 MSE B 62 -42.89 18.16 16.07
N ALA B 63 -42.47 18.93 22.12
CA ALA B 63 -43.38 19.53 23.11
C ALA B 63 -42.94 20.96 23.39
N GLN B 64 -41.64 21.15 23.54
CA GLN B 64 -41.07 22.47 23.77
C GLN B 64 -41.42 23.41 22.62
N LEU B 65 -41.19 22.97 21.39
CA LEU B 65 -41.45 23.80 20.24
C LEU B 65 -42.92 24.22 20.22
N ALA B 66 -43.80 23.27 20.47
CA ALA B 66 -45.23 23.53 20.44
C ALA B 66 -45.64 24.51 21.53
N SER B 67 -45.01 24.42 22.69
CA SER B 67 -45.34 25.30 23.81
C SER B 67 -44.84 26.69 23.53
N TRP B 68 -43.61 26.77 23.02
CA TRP B 68 -43.01 28.05 22.70
C TRP B 68 -43.80 28.73 21.58
N GLU B 69 -44.29 27.97 20.61
CA GLU B 69 -45.07 28.52 19.50
C GLU B 69 -46.35 29.20 19.98
N ALA B 70 -47.04 28.57 20.92
CA ALA B 70 -48.26 29.14 21.47
C ALA B 70 -47.98 30.45 22.18
N GLU B 71 -46.80 30.56 22.81
CA GLU B 71 -46.43 31.73 23.61
C GLU B 71 -45.75 32.86 22.84
N ALA B 72 -45.14 32.56 21.69
CA ALA B 72 -44.31 33.55 21.02
C ALA B 72 -45.11 34.64 20.31
N ASP B 73 -44.47 35.79 20.10
CA ASP B 73 -44.95 36.79 19.15
C ASP B 73 -45.23 36.16 17.79
N ASP B 74 -46.11 36.79 17.02
CA ASP B 74 -46.58 36.25 15.75
C ASP B 74 -45.45 35.89 14.77
N ASP B 75 -44.45 36.76 14.66
CA ASP B 75 -43.41 36.51 13.67
C ASP B 75 -42.53 35.36 14.12
N VAL B 76 -42.09 35.38 15.37
CA VAL B 76 -41.26 34.30 15.85
C VAL B 76 -42.04 32.99 15.80
N ALA B 77 -43.33 33.04 16.08
CA ALA B 77 -44.19 31.85 16.08
C ALA B 77 -44.23 31.19 14.71
N ALA B 78 -44.23 31.99 13.66
CA ALA B 78 -44.22 31.44 12.30
C ALA B 78 -42.91 30.70 12.01
N THR B 79 -41.79 31.17 12.56
CA THR B 79 -40.53 30.47 12.35
C THR B 79 -40.57 29.17 13.13
N ILE B 80 -41.07 29.24 14.35
CA ILE B 80 -41.14 28.03 15.17
C ILE B 80 -41.97 26.96 14.47
N LYS B 81 -43.08 27.38 13.88
CA LYS B 81 -44.00 26.47 13.19
C LYS B 81 -43.27 25.78 12.04
N SER B 82 -42.48 26.53 11.30
CA SER B 82 -41.75 25.94 10.19
C SER B 82 -40.76 24.90 10.73
N VAL B 83 -40.10 25.21 11.84
CA VAL B 83 -39.07 24.31 12.35
C VAL B 83 -39.73 23.04 12.84
N ARG B 84 -40.90 23.16 13.46
CA ARG B 84 -41.60 21.98 13.95
CA ARG B 84 -41.61 21.97 13.95
C ARG B 84 -42.02 21.08 12.79
N GLN B 85 -42.43 21.69 11.67
CA GLN B 85 -42.84 20.91 10.51
C GLN B 85 -41.64 20.18 9.90
N GLN B 86 -40.46 20.80 9.96
CA GLN B 86 -39.26 20.15 9.45
C GLN B 86 -38.90 18.95 10.27
N LEU B 87 -39.20 18.97 11.56
CA LEU B 87 -38.77 17.91 12.46
C LEU B 87 -39.86 16.86 12.64
N LEU B 88 -41.03 17.14 12.09
CA LEU B 88 -42.23 16.39 12.41
C LEU B 88 -42.12 14.90 12.06
N ASN B 89 -41.36 14.59 11.03
CA ASN B 89 -41.34 13.23 10.50
C ASN B 89 -39.99 12.53 10.57
N LEU B 90 -39.12 12.96 11.48
CA LEU B 90 -37.84 12.28 11.67
C LEU B 90 -38.09 10.81 12.02
N ASN B 91 -37.18 9.95 11.56
CA ASN B 91 -37.17 8.54 11.95
C ASN B 91 -36.12 8.34 13.06
N ILE B 92 -36.60 8.38 14.31
CA ILE B 92 -35.72 8.30 15.47
C ILE B 92 -35.32 6.84 15.73
N THR B 93 -34.02 6.56 15.73
CA THR B 93 -33.54 5.20 15.93
C THR B 93 -32.67 5.14 17.16
N GLY B 94 -32.25 6.31 17.62
CA GLY B 94 -31.19 6.40 18.61
C GLY B 94 -29.87 6.11 17.93
N ARG B 95 -28.78 6.37 18.64
CA ARG B 95 -27.45 6.00 18.18
C ARG B 95 -26.53 5.93 19.38
N LEU B 96 -25.78 4.84 19.50
CA LEU B 96 -24.83 4.72 20.60
C LEU B 96 -23.60 5.54 20.25
N PRO B 97 -23.01 6.21 21.24
CA PRO B 97 -21.84 7.08 21.02
C PRO B 97 -20.54 6.29 20.92
N VAL B 98 -20.47 5.40 19.93
CA VAL B 98 -19.25 4.67 19.65
C VAL B 98 -18.75 5.08 18.26
N LYS B 99 -17.44 5.03 18.06
CA LYS B 99 -16.87 5.40 16.77
C LYS B 99 -16.81 4.15 15.91
N LEU B 100 -17.55 4.14 14.79
CA LEU B 100 -17.54 3.02 13.85
C LEU B 100 -16.68 3.37 12.64
N ASP B 101 -15.41 3.03 12.72
CA ASP B 101 -14.50 3.42 11.67
C ASP B 101 -13.28 2.57 11.87
N PRO B 102 -13.06 1.62 10.96
CA PRO B 102 -11.93 0.71 11.12
C PRO B 102 -10.61 1.45 11.03
N ASP B 103 -10.58 2.67 10.53
CA ASP B 103 -9.31 3.38 10.27
C ASP B 103 -8.95 4.38 11.37
N PHE B 104 -9.77 4.41 12.40
CA PHE B 104 -9.60 5.37 13.51
C PHE B 104 -8.54 4.88 14.47
N VAL B 105 -7.72 5.79 15.01
CA VAL B 105 -6.77 5.45 16.07
C VAL B 105 -7.51 5.48 17.42
N ARG B 106 -7.70 4.33 18.06
CA ARG B 106 -8.51 4.29 19.29
C ARG B 106 -7.61 4.61 20.48
N VAL B 107 -8.01 5.52 21.35
CA VAL B 107 -7.14 5.91 22.46
C VAL B 107 -7.84 5.94 23.81
N ASP B 108 -7.06 5.75 24.87
CA ASP B 108 -7.53 6.00 26.23
C ASP B 108 -8.50 4.94 26.74
N GLU B 109 -9.14 5.22 27.87
CA GLU B 109 -9.81 4.21 28.69
C GLU B 109 -11.06 3.63 28.00
N ASN B 110 -11.81 4.45 27.28
CA ASN B 110 -13.01 3.93 26.62
C ASN B 110 -12.81 3.67 25.12
N SER B 111 -11.65 3.17 24.76
CA SER B 111 -11.26 3.09 23.34
C SER B 111 -12.06 2.05 22.54
N ASN B 112 -12.44 0.95 23.20
CA ASN B 112 -13.07 -0.19 22.53
C ASN B 112 -14.25 -0.74 23.34
N PRO B 113 -15.37 -0.01 23.35
CA PRO B 113 -16.54 -0.35 24.17
C PRO B 113 -17.01 -1.79 23.99
N PRO B 114 -17.39 -2.45 25.09
CA PRO B 114 -17.93 -3.81 24.95
C PRO B 114 -19.34 -3.79 24.36
N LEU B 115 -19.72 -4.89 23.70
CA LEU B 115 -21.05 -5.03 23.13
C LEU B 115 -21.75 -6.19 23.81
N VAL B 116 -22.88 -5.91 24.43
CA VAL B 116 -23.66 -6.93 25.14
C VAL B 116 -25.12 -6.84 24.72
N GLY B 117 -25.68 -7.96 24.32
CA GLY B 117 -27.09 -8.00 23.94
C GLY B 117 -27.26 -7.79 22.44
N ASP B 118 -28.47 -7.44 22.05
CA ASP B 118 -28.83 -7.28 20.65
C ASP B 118 -28.63 -5.84 20.25
N TYR B 119 -28.23 -5.65 19.01
CA TYR B 119 -28.03 -4.32 18.46
C TYR B 119 -28.55 -4.32 17.03
N THR B 120 -28.81 -3.13 16.50
CA THR B 120 -29.17 -2.97 15.09
C THR B 120 -28.20 -1.98 14.44
N LEU B 121 -27.75 -2.28 13.23
CA LEU B 121 -26.83 -1.38 12.52
C LEU B 121 -27.47 -1.01 11.21
N TYR B 122 -27.86 0.26 11.08
CA TYR B 122 -28.45 0.73 9.84
C TYR B 122 -27.31 1.25 8.98
N THR B 123 -27.35 0.92 7.70
CA THR B 123 -26.29 1.37 6.79
C THR B 123 -26.88 2.05 5.54
N VAL B 124 -26.10 2.97 4.96
CA VAL B 124 -26.47 3.66 3.74
C VAL B 124 -25.21 3.93 2.92
N GLN B 125 -25.36 4.20 1.63
CA GLN B 125 -24.22 4.59 0.79
C GLN B 125 -23.95 6.08 0.95
N ARG B 126 -22.72 6.52 0.70
CA ARG B 126 -22.41 7.96 0.76
C ARG B 126 -23.36 8.71 -0.18
N PRO B 127 -24.09 9.71 0.32
CA PRO B 127 -25.03 10.36 -0.60
C PRO B 127 -24.38 11.50 -1.42
N VAL B 128 -25.18 12.18 -2.24
CA VAL B 128 -24.68 13.29 -3.04
C VAL B 128 -25.41 14.56 -2.66
N THR B 129 -25.94 14.60 -1.45
CA THR B 129 -26.68 15.76 -0.98
C THR B 129 -26.23 16.09 0.43
N ILE B 130 -26.61 17.27 0.91
CA ILE B 130 -26.59 17.56 2.34
C ILE B 130 -28.01 17.99 2.69
N THR B 131 -28.30 18.20 3.97
CA THR B 131 -29.64 18.61 4.37
C THR B 131 -29.51 19.86 5.20
N LEU B 132 -30.29 20.88 4.87
CA LEU B 132 -30.28 22.13 5.59
C LEU B 132 -31.58 22.21 6.44
N LEU B 133 -31.44 22.52 7.72
CA LEU B 133 -32.62 22.55 8.62
C LEU B 133 -32.55 23.74 9.54
N GLY B 134 -33.71 24.19 10.00
CA GLY B 134 -33.73 25.17 11.06
C GLY B 134 -34.44 26.46 10.68
N ALA B 135 -33.98 27.58 11.25
CA ALA B 135 -34.63 28.87 11.07
C ALA B 135 -34.19 29.48 9.75
N VAL B 136 -34.43 28.76 8.68
CA VAL B 136 -33.93 29.17 7.38
C VAL B 136 -34.96 28.78 6.31
N SER B 137 -35.07 29.62 5.31
CA SER B 137 -35.99 29.43 4.20
C SER B 137 -35.46 28.37 3.24
N GLY B 138 -36.35 27.60 2.64
CA GLY B 138 -35.95 26.58 1.66
C GLY B 138 -35.22 25.43 2.32
N ALA B 139 -35.65 25.05 3.52
CA ALA B 139 -35.05 23.94 4.25
C ALA B 139 -35.25 22.63 3.49
N GLY B 140 -34.33 21.69 3.64
CA GLY B 140 -34.45 20.40 2.97
C GLY B 140 -33.13 19.95 2.36
N GLN B 141 -33.18 18.98 1.44
CA GLN B 141 -31.96 18.45 0.83
C GLN B 141 -31.45 19.37 -0.26
N LEU B 142 -30.14 19.55 -0.31
CA LEU B 142 -29.46 20.36 -1.32
C LEU B 142 -28.39 19.52 -2.05
N PRO B 143 -28.15 19.81 -3.34
CA PRO B 143 -27.06 19.09 -4.01
C PRO B 143 -25.73 19.40 -3.32
N TRP B 144 -24.91 18.38 -3.05
CA TRP B 144 -23.59 18.60 -2.49
C TRP B 144 -22.68 18.98 -3.64
N LEU B 145 -21.83 19.98 -3.44
CA LEU B 145 -20.90 20.40 -4.50
C LEU B 145 -19.48 20.49 -3.93
N ALA B 146 -18.53 19.87 -4.63
CA ALA B 146 -17.15 19.86 -4.16
C ALA B 146 -16.61 21.29 -4.03
N GLY B 147 -15.99 21.59 -2.89
CA GLY B 147 -15.36 22.89 -2.69
C GLY B 147 -16.28 23.93 -2.07
N ARG B 148 -17.59 23.67 -2.08
CA ARG B 148 -18.57 24.65 -1.65
C ARG B 148 -18.65 24.73 -0.13
N SER B 149 -18.64 25.96 0.40
CA SER B 149 -18.64 26.16 1.84
C SER B 149 -20.06 26.36 2.34
N VAL B 150 -20.20 26.31 3.66
CA VAL B 150 -21.47 26.54 4.31
C VAL B 150 -22.03 27.87 3.89
N THR B 151 -21.18 28.90 3.84
CA THR B 151 -21.67 30.24 3.50
C THR B 151 -22.07 30.33 2.03
N ASP B 152 -21.41 29.57 1.14
CA ASP B 152 -21.86 29.43 -0.24
C ASP B 152 -23.29 28.88 -0.30
N TYR B 153 -23.55 27.76 0.40
CA TYR B 153 -24.87 27.14 0.38
C TYR B 153 -25.94 28.12 0.89
N LEU B 154 -25.59 28.96 1.87
CA LEU B 154 -26.57 29.83 2.48
C LEU B 154 -26.99 31.00 1.58
N GLN B 155 -26.20 31.30 0.56
CA GLN B 155 -26.47 32.50 -0.22
C GLN B 155 -27.89 32.53 -0.81
N ASP B 156 -28.43 31.35 -1.09
CA ASP B 156 -29.75 31.22 -1.69
C ASP B 156 -30.81 30.80 -0.67
N HIS B 157 -30.48 30.90 0.61
CA HIS B 157 -31.37 30.46 1.69
C HIS B 157 -31.50 31.52 2.76
N PRO B 158 -32.40 32.48 2.53
CA PRO B 158 -32.52 33.56 3.51
C PRO B 158 -32.94 33.00 4.87
N ARG B 159 -32.54 33.67 5.94
CA ARG B 159 -32.80 33.19 7.26
C ARG B 159 -34.13 33.76 7.74
N LEU B 160 -34.70 33.10 8.73
CA LEU B 160 -36.01 33.50 9.25
C LEU B 160 -35.90 34.34 10.54
N ALA B 161 -36.97 35.07 10.88
CA ALA B 161 -37.04 35.78 12.17
C ALA B 161 -36.69 34.83 13.31
N GLY B 162 -35.85 35.28 14.23
CA GLY B 162 -35.46 34.49 15.40
C GLY B 162 -34.22 33.64 15.17
N ALA B 163 -33.71 33.65 13.94
CA ALA B 163 -32.54 32.85 13.58
C ALA B 163 -31.25 33.28 14.30
N ASP B 164 -30.41 32.31 14.62
CA ASP B 164 -29.04 32.54 15.04
C ASP B 164 -28.35 33.34 13.95
N LYS B 165 -27.64 34.40 14.33
CA LYS B 165 -27.06 35.29 13.34
C LYS B 165 -25.59 34.98 13.05
N ASN B 166 -24.97 34.12 13.86
CA ASN B 166 -23.52 34.01 13.85
C ASN B 166 -22.95 32.67 13.41
N ASN B 167 -23.72 31.60 13.63
CA ASN B 167 -23.20 30.26 13.44
C ASN B 167 -24.16 29.24 12.81
N VAL B 168 -23.60 28.24 12.15
CA VAL B 168 -24.34 27.07 11.73
C VAL B 168 -23.68 25.86 12.33
N MSE B 169 -24.48 24.89 12.77
CA MSE B 169 -23.92 23.63 13.27
C MSE B 169 -23.84 22.62 12.13
O MSE B 169 -24.86 22.20 11.58
CB MSE B 169 -24.80 23.08 14.41
CG MSE B 169 -24.14 21.93 15.14
SE MSE B 169 -22.50 22.49 16.14
CE MSE B 169 -23.29 23.87 17.28
H MSE B 169 -25.34 24.92 12.78
HA MSE B 169 -23.03 23.80 13.63
HB2 MSE B 169 -24.98 23.78 15.05
HB3 MSE B 169 -25.63 22.75 14.03
HG2 MSE B 169 -24.76 21.57 15.78
HG3 MSE B 169 -23.87 21.25 14.51
HE1 MSE B 169 -22.60 24.24 17.84
HE2 MSE B 169 -23.67 24.55 16.74
HE3 MSE B 169 -23.97 23.46 17.84
N VAL B 170 -22.62 22.22 11.78
CA VAL B 170 -22.43 21.18 10.78
C VAL B 170 -22.45 19.83 11.51
N ILE B 171 -23.36 18.95 11.12
CA ILE B 171 -23.45 17.64 11.73
C ILE B 171 -23.07 16.61 10.69
N THR B 172 -21.92 15.99 10.89
CA THR B 172 -21.43 15.04 9.90
C THR B 172 -22.24 13.75 9.97
N PRO B 173 -22.15 12.92 8.91
CA PRO B 173 -22.89 11.66 8.93
C PRO B 173 -22.63 10.79 10.18
N GLU B 174 -21.45 10.87 10.79
CA GLU B 174 -21.14 10.07 11.98
C GLU B 174 -21.75 10.66 13.25
N GLY B 175 -22.27 11.87 13.17
CA GLY B 175 -22.86 12.52 14.32
C GLY B 175 -21.91 13.49 15.01
N GLU B 176 -20.76 13.76 14.41
CA GLU B 176 -19.82 14.72 14.97
C GLU B 176 -20.30 16.12 14.61
N THR B 177 -19.96 17.12 15.42
CA THR B 177 -20.53 18.45 15.25
C THR B 177 -19.45 19.51 15.20
N VAL B 178 -19.50 20.35 14.18
CA VAL B 178 -18.52 21.39 13.99
C VAL B 178 -19.25 22.72 13.96
N VAL B 179 -18.83 23.69 14.74
CA VAL B 179 -19.46 25.02 14.70
C VAL B 179 -18.92 25.84 13.51
N ALA B 180 -19.79 26.17 12.57
CA ALA B 180 -19.39 26.91 11.37
C ALA B 180 -19.82 28.38 11.47
N PRO B 181 -18.86 29.30 11.60
CA PRO B 181 -19.22 30.73 11.70
C PRO B 181 -19.66 31.27 10.34
N VAL B 182 -20.78 32.00 10.29
CA VAL B 182 -21.40 32.33 9.01
C VAL B 182 -21.80 33.81 8.84
N ALA B 183 -21.48 34.66 9.79
CA ALA B 183 -21.82 36.07 9.67
C ALA B 183 -20.68 36.80 8.95
N LEU B 184 -20.98 37.97 8.40
CA LEU B 184 -19.96 38.71 7.68
C LEU B 184 -18.74 38.94 8.58
N TRP B 185 -18.96 39.16 9.87
CA TRP B 185 -17.85 39.60 10.70
C TRP B 185 -16.93 38.45 11.11
N ASN B 186 -17.47 37.23 11.19
CA ASN B 186 -16.71 36.07 11.69
C ASN B 186 -16.56 34.93 10.69
N LYS B 187 -17.11 35.08 9.48
CA LYS B 187 -17.18 33.94 8.57
C LYS B 187 -15.80 33.30 8.37
N ARG B 188 -15.78 31.98 8.33
CA ARG B 188 -14.56 31.25 8.06
C ARG B 188 -14.99 30.07 7.19
N HIS B 189 -14.17 29.78 6.20
CA HIS B 189 -14.49 28.79 5.19
C HIS B 189 -14.60 27.40 5.83
N VAL B 190 -15.78 26.77 5.70
CA VAL B 190 -16.00 25.41 6.18
C VAL B 190 -16.75 24.63 5.10
N GLU B 191 -16.19 23.50 4.68
CA GLU B 191 -16.81 22.68 3.63
C GLU B 191 -17.42 21.46 4.29
N PRO B 192 -18.75 21.37 4.30
CA PRO B 192 -19.38 20.17 4.87
C PRO B 192 -19.31 18.98 3.92
N PRO B 193 -18.98 17.81 4.47
CA PRO B 193 -18.89 16.60 3.65
C PRO B 193 -20.27 16.07 3.23
N PRO B 194 -20.32 15.20 2.21
CA PRO B 194 -21.57 14.64 1.70
C PRO B 194 -22.36 13.95 2.81
N GLY B 195 -23.66 14.17 2.87
CA GLY B 195 -24.47 13.53 3.90
C GLY B 195 -24.59 14.38 5.16
N SER B 196 -23.90 15.51 5.24
CA SER B 196 -23.98 16.35 6.43
C SER B 196 -25.36 16.99 6.57
N GLN B 197 -25.75 17.29 7.81
CA GLN B 197 -26.89 18.16 8.06
C GLN B 197 -26.33 19.51 8.51
N LEU B 198 -26.95 20.58 8.05
CA LEU B 198 -26.62 21.92 8.53
C LEU B 198 -27.80 22.38 9.37
N TRP B 199 -27.56 22.65 10.65
CA TRP B 199 -28.60 23.13 11.54
C TRP B 199 -28.39 24.60 11.81
N LEU B 200 -29.37 25.40 11.48
CA LEU B 200 -29.31 26.83 11.74
C LEU B 200 -30.38 27.10 12.78
N GLY B 201 -29.94 27.31 14.02
CA GLY B 201 -30.86 27.32 15.15
C GLY B 201 -31.43 28.68 15.48
N PHE B 202 -31.97 28.81 16.68
CA PHE B 202 -32.56 30.06 17.16
C PHE B 202 -31.49 30.91 17.85
N SER B 203 -31.65 32.23 17.81
CA SER B 203 -30.73 33.12 18.49
C SER B 203 -30.88 33.00 20.01
N ALA B 204 -29.78 33.17 20.74
CA ALA B 204 -29.84 33.21 22.18
C ALA B 204 -30.82 34.30 22.60
N HIS B 205 -30.80 35.41 21.87
CA HIS B 205 -31.65 36.55 22.20
C HIS B 205 -33.15 36.22 22.15
N VAL B 206 -33.57 35.44 21.16
CA VAL B 206 -35.00 35.15 21.01
C VAL B 206 -35.47 34.04 21.96
N LEU B 207 -34.56 33.17 22.36
CA LEU B 207 -34.91 32.02 23.19
C LEU B 207 -35.24 32.42 24.62
N PRO B 208 -36.47 32.12 25.06
CA PRO B 208 -36.76 32.32 26.48
C PRO B 208 -35.83 31.51 27.38
N GLU B 209 -35.58 32.02 28.59
CA GLU B 209 -34.71 31.35 29.55
C GLU B 209 -35.10 29.89 29.70
N LYS B 210 -36.41 29.66 29.76
CA LYS B 210 -37.00 28.34 29.90
C LYS B 210 -36.50 27.37 28.83
N TYR B 211 -36.32 27.86 27.61
CA TYR B 211 -35.90 27.03 26.50
C TYR B 211 -34.45 27.29 26.10
N ALA B 212 -33.61 27.65 27.08
CA ALA B 212 -32.25 28.09 26.77
C ALA B 212 -31.43 27.00 26.08
N ASP B 213 -31.79 25.74 26.33
CA ASP B 213 -31.04 24.59 25.83
C ASP B 213 -31.67 23.94 24.59
N LEU B 214 -32.66 24.59 24.00
CA LEU B 214 -33.44 23.96 22.94
C LEU B 214 -32.60 23.69 21.67
N ASN B 215 -31.69 24.60 21.34
CA ASN B 215 -30.75 24.37 20.25
C ASN B 215 -29.90 23.12 20.47
N ASP B 216 -29.27 23.04 21.64
CA ASP B 216 -28.45 21.88 22.00
C ASP B 216 -29.28 20.61 21.95
N GLN B 217 -30.51 20.65 22.48
CA GLN B 217 -31.38 19.47 22.48
C GLN B 217 -31.75 19.04 21.07
N ILE B 218 -31.94 20.00 20.17
CA ILE B 218 -32.30 19.65 18.80
C ILE B 218 -31.09 19.02 18.10
N VAL B 219 -29.92 19.59 18.31
CA VAL B 219 -28.73 19.05 17.66
C VAL B 219 -28.55 17.60 18.13
N SER B 220 -28.77 17.37 19.42
CA SER B 220 -28.61 16.01 19.94
C SER B 220 -29.54 15.04 19.19
N VAL B 221 -30.79 15.44 18.99
CA VAL B 221 -31.74 14.62 18.24
C VAL B 221 -31.27 14.36 16.81
N LEU B 222 -30.72 15.37 16.15
CA LEU B 222 -30.33 15.24 14.76
C LEU B 222 -29.16 14.26 14.60
N THR B 223 -28.34 14.12 15.63
CA THR B 223 -27.25 13.14 15.59
C THR B 223 -27.75 11.70 15.81
N GLN B 224 -29.02 11.51 16.14
CA GLN B 224 -29.52 10.16 16.48
C GLN B 224 -30.65 9.67 15.56
N ARG B 225 -30.54 10.02 14.28
CA ARG B 225 -31.54 9.62 13.32
C ARG B 225 -30.91 9.25 11.99
N VAL B 226 -31.61 8.40 11.24
CA VAL B 226 -31.14 7.88 9.97
C VAL B 226 -31.73 8.64 8.78
N GLN C 3 -11.91 -9.52 -25.54
CA GLN C 3 -11.84 -8.95 -26.88
C GLN C 3 -10.42 -8.61 -27.30
N GLY C 4 -9.44 -8.99 -26.48
CA GLY C 4 -8.04 -8.69 -26.79
C GLY C 4 -7.52 -9.44 -28.01
N MSE C 5 -6.92 -8.70 -28.94
CA MSE C 5 -6.22 -9.30 -30.08
C MSE C 5 -4.79 -8.76 -30.06
O MSE C 5 -4.60 -7.55 -30.10
CB MSE C 5 -6.92 -8.90 -31.39
CG MSE C 5 -8.30 -9.50 -31.57
SE MSE C 5 -8.29 -11.44 -31.85
CE MSE C 5 -7.24 -11.55 -33.49
H MSE C 5 -6.90 -7.84 -28.93
HA MSE C 5 -6.21 -10.27 -30.00
HB2 MSE C 5 -7.01 -7.94 -31.41
HB3 MSE C 5 -6.37 -9.20 -32.12
HG2 MSE C 5 -8.83 -9.32 -30.78
HG3 MSE C 5 -8.73 -9.10 -32.35
HE1 MSE C 5 -7.16 -12.48 -33.76
HE2 MSE C 5 -7.70 -11.06 -34.19
HE3 MSE C 5 -6.38 -11.17 -33.35
N VAL C 6 -3.79 -9.63 -30.04
CA VAL C 6 -2.41 -9.20 -29.82
C VAL C 6 -1.54 -9.63 -30.97
N THR C 7 -0.85 -8.68 -31.58
CA THR C 7 0.17 -9.00 -32.56
C THR C 7 1.52 -9.06 -31.84
N ILE C 8 2.21 -10.18 -31.95
CA ILE C 8 3.48 -10.35 -31.28
C ILE C 8 4.62 -10.30 -32.29
N TYR C 9 5.61 -9.45 -32.04
CA TYR C 9 6.83 -9.40 -32.86
C TYR C 9 7.92 -10.20 -32.15
N LEU C 10 8.51 -11.15 -32.86
CA LEU C 10 9.67 -11.88 -32.33
C LEU C 10 10.86 -10.94 -32.31
N PRO C 11 11.94 -11.35 -31.64
CA PRO C 11 13.14 -10.49 -31.57
C PRO C 11 13.63 -10.17 -32.97
N GLY C 12 13.92 -8.91 -33.25
CA GLY C 12 14.36 -8.50 -34.57
C GLY C 12 13.22 -7.88 -35.36
N GLU C 13 12.00 -8.17 -34.92
CA GLU C 13 10.80 -7.54 -35.48
C GLU C 13 10.56 -7.87 -36.96
N GLN C 14 11.12 -8.99 -37.42
CA GLN C 14 10.89 -9.45 -38.78
C GLN C 14 9.88 -10.60 -38.90
N GLN C 15 9.36 -11.07 -37.78
CA GLN C 15 8.35 -12.12 -37.80
C GLN C 15 7.29 -11.78 -36.79
N THR C 16 6.06 -12.18 -37.05
CA THR C 16 4.97 -11.93 -36.11
C THR C 16 4.10 -13.14 -35.91
N LEU C 17 3.39 -13.15 -34.79
CA LEU C 17 2.38 -14.16 -34.52
C LEU C 17 1.11 -13.41 -34.16
N SER C 18 -0.04 -14.05 -34.38
CA SER C 18 -1.30 -13.49 -33.91
C SER C 18 -1.88 -14.35 -32.80
N VAL C 19 -2.20 -13.72 -31.69
CA VAL C 19 -2.83 -14.40 -30.56
C VAL C 19 -4.20 -13.78 -30.32
N GLY C 20 -5.13 -14.58 -29.78
CA GLY C 20 -6.44 -14.08 -29.43
C GLY C 20 -7.57 -14.62 -30.27
N PRO C 21 -8.81 -14.26 -29.91
CA PRO C 21 -9.12 -13.35 -28.79
C PRO C 21 -8.65 -13.89 -27.45
N VAL C 22 -8.12 -13.00 -26.61
CA VAL C 22 -7.77 -13.32 -25.24
C VAL C 22 -8.51 -12.32 -24.35
N GLU C 23 -9.00 -12.79 -23.22
CA GLU C 23 -9.86 -11.98 -22.37
C GLU C 23 -9.03 -11.13 -21.44
N ASN C 24 -7.85 -11.63 -21.10
CA ASN C 24 -7.03 -10.95 -20.12
C ASN C 24 -5.55 -11.34 -20.25
N VAL C 25 -4.74 -10.77 -19.39
CA VAL C 25 -3.30 -10.98 -19.49
C VAL C 25 -2.96 -12.46 -19.26
N ALA C 26 -3.77 -13.14 -18.46
CA ALA C 26 -3.50 -14.54 -18.13
C ALA C 26 -3.58 -15.38 -19.38
N GLN C 27 -4.63 -15.20 -20.17
CA GLN C 27 -4.79 -15.99 -21.38
C GLN C 27 -3.70 -15.68 -22.40
N LEU C 28 -3.15 -14.46 -22.36
CA LEU C 28 -2.08 -14.08 -23.28
C LEU C 28 -0.75 -14.75 -22.91
N VAL C 29 -0.38 -14.64 -21.63
CA VAL C 29 0.90 -15.11 -21.15
C VAL C 29 0.98 -16.63 -21.15
N THR C 30 -0.15 -17.32 -21.21
CA THR C 30 -0.13 -18.80 -21.22
C THR C 30 -0.34 -19.39 -22.61
N GLN C 31 -0.43 -18.52 -23.60
CA GLN C 31 -0.50 -19.00 -24.98
C GLN C 31 0.65 -19.97 -25.23
N PRO C 32 0.39 -21.04 -25.98
CA PRO C 32 1.40 -22.05 -26.26
C PRO C 32 2.63 -21.48 -26.97
N GLN C 33 2.40 -20.48 -27.81
CA GLN C 33 3.49 -19.90 -28.60
C GLN C 33 4.40 -18.98 -27.79
N LEU C 34 3.93 -18.53 -26.63
CA LEU C 34 4.71 -17.64 -25.76
C LEU C 34 5.19 -18.34 -24.49
N ARG C 35 4.42 -19.34 -24.08
CA ARG C 35 4.54 -19.95 -22.76
C ARG C 35 5.96 -19.96 -22.20
N ASP C 36 6.83 -20.78 -22.76
CA ASP C 36 8.20 -20.90 -22.24
C ASP C 36 9.23 -20.37 -23.23
N ARG C 37 8.78 -19.66 -24.25
CA ARG C 37 9.68 -19.16 -25.27
C ARG C 37 10.22 -17.75 -24.96
N LEU C 38 9.48 -16.96 -24.19
CA LEU C 38 9.83 -15.55 -24.04
C LEU C 38 10.70 -15.26 -22.83
N TRP C 39 11.60 -14.30 -23.00
CA TRP C 39 12.28 -13.69 -21.87
C TRP C 39 11.38 -12.55 -21.38
N TRP C 40 10.54 -12.84 -20.40
CA TRP C 40 9.45 -11.94 -20.01
C TRP C 40 9.88 -10.54 -19.55
N PRO C 41 11.05 -10.42 -18.89
CA PRO C 41 11.36 -9.06 -18.43
C PRO C 41 11.55 -8.06 -19.57
N GLY C 42 11.96 -8.53 -20.74
CA GLY C 42 12.13 -7.65 -21.87
C GLY C 42 10.88 -7.43 -22.72
N ALA C 43 9.82 -8.21 -22.47
CA ALA C 43 8.60 -8.12 -23.27
C ALA C 43 7.94 -6.76 -23.03
N LEU C 44 7.44 -6.14 -24.09
CA LEU C 44 6.84 -4.81 -23.98
C LEU C 44 5.45 -4.85 -24.61
N LEU C 45 4.43 -4.62 -23.80
CA LEU C 45 3.06 -4.60 -24.29
C LEU C 45 2.60 -3.17 -24.47
N THR C 46 2.08 -2.85 -25.64
CA THR C 46 1.54 -1.53 -25.87
C THR C 46 0.26 -1.53 -26.74
N ASP C 47 -0.33 -0.36 -26.92
CA ASP C 47 -1.44 -0.22 -27.85
C ASP C 47 -1.47 1.22 -28.39
N SER C 48 -2.44 1.55 -29.24
CA SER C 48 -2.44 2.85 -29.92
C SER C 48 -2.50 4.01 -28.94
N ALA C 49 -3.31 3.88 -27.89
CA ALA C 49 -3.48 4.97 -26.93
C ALA C 49 -2.20 5.21 -26.13
N ALA C 50 -1.56 4.13 -25.71
CA ALA C 50 -0.33 4.24 -24.93
C ALA C 50 0.78 4.85 -25.79
N LYS C 51 0.82 4.46 -27.04
CA LYS C 51 1.84 5.01 -27.94
C LYS C 51 1.59 6.50 -28.17
N ALA C 52 0.32 6.87 -28.35
CA ALA C 52 0.00 8.27 -28.65
C ALA C 52 0.40 9.15 -27.48
N LYS C 53 0.13 8.66 -26.28
CA LYS C 53 0.50 9.38 -25.07
C LYS C 53 2.02 9.51 -24.96
N ALA C 54 2.72 8.39 -25.12
CA ALA C 54 4.18 8.40 -25.02
C ALA C 54 4.81 9.36 -26.06
N LEU C 55 4.25 9.42 -27.27
CA LEU C 55 4.81 10.27 -28.33
C LEU C 55 4.62 11.74 -27.95
N LYS C 56 3.45 12.09 -27.44
CA LYS C 56 3.22 13.45 -26.96
C LYS C 56 4.17 13.79 -25.81
N ASP C 57 4.32 12.87 -24.85
CA ASP C 57 5.26 13.08 -23.73
C ASP C 57 6.69 13.27 -24.24
N TYR C 58 7.06 12.45 -25.22
CA TYR C 58 8.42 12.48 -25.78
C TYR C 58 8.69 13.79 -26.51
N GLN C 59 7.74 14.24 -27.34
CA GLN C 59 7.92 15.49 -28.03
C GLN C 59 7.97 16.70 -27.08
N HIS C 60 7.22 16.63 -25.99
CA HIS C 60 7.28 17.68 -24.97
C HIS C 60 8.68 17.73 -24.35
N VAL C 61 9.27 16.57 -24.07
CA VAL C 61 10.62 16.53 -23.53
C VAL C 61 11.62 17.13 -24.53
N MSE C 62 11.50 16.73 -25.80
CA MSE C 62 12.41 17.25 -26.82
C MSE C 62 12.25 18.75 -26.99
O MSE C 62 13.25 19.43 -27.25
CB MSE C 62 12.20 16.54 -28.16
CG MSE C 62 12.50 15.04 -28.12
SE MSE C 62 14.29 14.58 -27.42
CE MSE C 62 15.33 15.06 -28.98
H MSE C 62 10.91 16.17 -26.09
HA MSE C 62 13.33 17.06 -26.54
HB2 MSE C 62 11.27 16.65 -28.42
HB3 MSE C 62 12.77 16.95 -28.82
HG2 MSE C 62 11.84 14.61 -27.56
HG3 MSE C 62 12.44 14.69 -29.02
HE1 MSE C 62 16.25 14.88 -28.79
HE2 MSE C 62 15.04 14.52 -29.72
HE3 MSE C 62 15.20 15.98 -29.17
N ALA C 63 11.02 19.27 -26.86
CA ALA C 63 10.80 20.71 -27.01
C ALA C 63 11.41 21.49 -25.83
N GLN C 64 11.28 20.92 -24.62
N GLN C 64 11.31 20.94 -24.62
CA GLN C 64 11.84 21.54 -23.41
CA GLN C 64 11.86 21.61 -23.44
C GLN C 64 13.35 21.61 -23.53
C GLN C 64 13.37 21.61 -23.47
N LEU C 65 13.96 20.50 -23.89
CA LEU C 65 15.40 20.42 -24.06
C LEU C 65 15.88 21.46 -25.09
N ALA C 66 15.13 21.64 -26.16
CA ALA C 66 15.55 22.61 -27.19
C ALA C 66 15.35 24.05 -26.73
N SER C 67 14.27 24.33 -25.99
CA SER C 67 14.07 25.68 -25.45
C SER C 67 15.17 26.00 -24.43
N TRP C 68 15.39 25.09 -23.50
CA TRP C 68 16.41 25.26 -22.49
C TRP C 68 17.80 25.46 -23.15
N GLU C 69 18.12 24.66 -24.16
CA GLU C 69 19.44 24.77 -24.78
C GLU C 69 19.63 26.20 -25.34
N ALA C 70 18.58 26.74 -25.93
CA ALA C 70 18.65 28.09 -26.52
C ALA C 70 18.85 29.18 -25.46
N GLU C 71 18.32 28.94 -24.25
CA GLU C 71 18.36 29.88 -23.14
C GLU C 71 19.62 29.78 -22.27
N ALA C 72 20.27 28.62 -22.28
CA ALA C 72 21.32 28.32 -21.30
C ALA C 72 22.68 28.98 -21.63
N ASP C 73 23.49 29.18 -20.60
CA ASP C 73 24.92 29.50 -20.76
C ASP C 73 25.58 28.42 -21.60
N ASP C 74 26.60 28.79 -22.38
CA ASP C 74 27.18 27.89 -23.36
C ASP C 74 27.67 26.55 -22.79
N ASP C 75 28.18 26.54 -21.56
CA ASP C 75 28.68 25.28 -21.03
C ASP C 75 27.51 24.33 -20.76
N VAL C 76 26.46 24.83 -20.13
CA VAL C 76 25.29 24.00 -19.88
C VAL C 76 24.62 23.64 -21.21
N ALA C 77 24.48 24.61 -22.10
CA ALA C 77 23.90 24.36 -23.42
C ALA C 77 24.55 23.19 -24.16
N ALA C 78 25.88 23.06 -24.06
CA ALA C 78 26.57 21.99 -24.77
C ALA C 78 26.22 20.63 -24.16
N THR C 79 26.04 20.58 -22.85
CA THR C 79 25.59 19.35 -22.22
C THR C 79 24.16 19.02 -22.67
N ILE C 80 23.30 20.04 -22.71
CA ILE C 80 21.90 19.84 -23.12
C ILE C 80 21.87 19.35 -24.55
N LYS C 81 22.72 19.91 -25.41
CA LYS C 81 22.76 19.49 -26.80
C LYS C 81 23.14 18.02 -26.88
N SER C 82 24.14 17.62 -26.11
CA SER C 82 24.55 16.21 -26.11
C SER C 82 23.39 15.29 -25.69
N VAL C 83 22.72 15.63 -24.60
CA VAL C 83 21.60 14.80 -24.14
C VAL C 83 20.50 14.75 -25.20
N ARG C 84 20.14 15.91 -25.76
CA ARG C 84 19.13 15.96 -26.80
CA ARG C 84 19.13 15.95 -26.79
C ARG C 84 19.52 15.03 -27.97
N GLN C 85 20.77 15.12 -28.41
CA GLN C 85 21.23 14.26 -29.52
C GLN C 85 21.11 12.77 -29.20
N GLN C 86 21.37 12.41 -27.94
CA GLN C 86 21.28 11.01 -27.53
C GLN C 86 19.85 10.51 -27.65
N LEU C 87 18.88 11.41 -27.52
CA LEU C 87 17.47 11.00 -27.52
C LEU C 87 16.74 11.24 -28.84
N LEU C 88 17.42 11.83 -29.84
CA LEU C 88 16.76 12.22 -31.09
C LEU C 88 16.15 11.02 -31.83
N ASN C 89 16.75 9.85 -31.68
CA ASN C 89 16.33 8.75 -32.52
C ASN C 89 15.56 7.62 -31.83
N LEU C 90 15.04 7.88 -30.64
CA LEU C 90 14.29 6.89 -29.90
C LEU C 90 13.11 6.43 -30.74
N ASN C 91 12.80 5.15 -30.71
CA ASN C 91 11.57 4.68 -31.31
C ASN C 91 10.52 4.59 -30.21
N ILE C 92 9.55 5.49 -30.26
CA ILE C 92 8.58 5.58 -29.18
C ILE C 92 7.42 4.60 -29.46
N THR C 93 7.28 3.60 -28.59
CA THR C 93 6.22 2.61 -28.71
C THR C 93 5.12 2.82 -27.70
N GLY C 94 5.42 3.59 -26.64
CA GLY C 94 4.64 3.53 -25.42
C GLY C 94 4.74 2.17 -24.75
N ARG C 95 4.22 2.07 -23.53
CA ARG C 95 4.22 0.82 -22.80
C ARG C 95 3.09 0.84 -21.79
N LEU C 96 2.28 -0.21 -21.75
CA LEU C 96 1.24 -0.30 -20.75
C LEU C 96 1.85 -0.65 -19.39
N PRO C 97 1.13 -0.32 -18.32
CA PRO C 97 1.69 -0.49 -16.97
C PRO C 97 1.64 -1.95 -16.46
N VAL C 98 0.89 -2.81 -17.13
CA VAL C 98 0.77 -4.19 -16.65
C VAL C 98 2.10 -4.95 -16.73
N LYS C 99 2.35 -5.79 -15.72
CA LYS C 99 3.57 -6.61 -15.66
C LYS C 99 3.24 -8.02 -16.13
N LEU C 100 3.89 -8.47 -17.21
CA LEU C 100 3.48 -9.70 -17.90
C LEU C 100 3.97 -10.98 -17.23
N ASP C 101 5.20 -10.95 -16.73
CA ASP C 101 5.90 -12.15 -16.29
C ASP C 101 5.04 -13.05 -15.38
N PRO C 102 4.75 -14.28 -15.83
CA PRO C 102 3.88 -15.17 -15.05
C PRO C 102 4.53 -15.72 -13.78
N ASP C 103 5.80 -15.45 -13.53
CA ASP C 103 6.44 -16.02 -12.34
C ASP C 103 6.42 -15.12 -11.13
N PHE C 104 5.62 -14.06 -11.19
CA PHE C 104 5.51 -13.18 -10.05
C PHE C 104 4.08 -13.12 -9.53
N VAL C 105 3.97 -13.01 -8.22
CA VAL C 105 2.68 -12.81 -7.58
C VAL C 105 2.04 -11.57 -8.19
N ARG C 106 0.74 -11.64 -8.41
CA ARG C 106 0.03 -10.53 -9.00
C ARG C 106 -1.05 -10.13 -8.02
N VAL C 107 -1.23 -8.83 -7.83
CA VAL C 107 -2.38 -8.35 -7.10
C VAL C 107 -3.15 -7.39 -7.99
N ASP C 108 -4.47 -7.55 -8.04
CA ASP C 108 -5.32 -6.52 -8.60
C ASP C 108 -6.57 -6.39 -7.75
N GLU C 109 -7.36 -5.36 -8.03
CA GLU C 109 -8.51 -5.03 -7.21
C GLU C 109 -9.62 -6.07 -7.33
N ASN C 110 -9.97 -6.42 -8.57
CA ASN C 110 -11.10 -7.32 -8.82
C ASN C 110 -10.65 -8.63 -9.47
N SER C 111 -9.83 -8.53 -10.50
CA SER C 111 -9.48 -9.71 -11.28
C SER C 111 -8.22 -9.51 -12.11
N ASN C 112 -7.91 -10.53 -12.91
CA ASN C 112 -6.78 -10.47 -13.82
C ASN C 112 -7.04 -9.35 -14.83
N PRO C 113 -6.03 -8.48 -15.07
CA PRO C 113 -6.24 -7.31 -15.96
C PRO C 113 -6.78 -7.71 -17.33
N PRO C 114 -7.93 -7.14 -17.72
CA PRO C 114 -8.52 -7.53 -18.99
C PRO C 114 -7.76 -6.90 -20.18
N LEU C 115 -7.89 -7.55 -21.33
CA LEU C 115 -7.37 -7.03 -22.57
C LEU C 115 -8.54 -6.74 -23.49
N VAL C 116 -8.71 -5.49 -23.86
CA VAL C 116 -9.81 -5.12 -24.75
C VAL C 116 -9.21 -4.41 -25.97
N GLY C 117 -9.59 -4.85 -27.15
CA GLY C 117 -9.10 -4.23 -28.37
C GLY C 117 -7.75 -4.79 -28.79
N ASP C 118 -7.03 -4.02 -29.60
CA ASP C 118 -5.81 -4.53 -30.21
C ASP C 118 -4.58 -4.09 -29.46
N TYR C 119 -3.59 -4.97 -29.42
CA TYR C 119 -2.34 -4.68 -28.72
C TYR C 119 -1.19 -5.14 -29.57
N THR C 120 0.01 -4.62 -29.27
CA THR C 120 1.22 -5.13 -29.86
C THR C 120 2.16 -5.55 -28.73
N LEU C 121 2.75 -6.73 -28.85
CA LEU C 121 3.76 -7.20 -27.90
C LEU C 121 5.11 -7.33 -28.60
N TYR C 122 6.07 -6.50 -28.22
CA TYR C 122 7.45 -6.64 -28.71
C TYR C 122 8.27 -7.49 -27.76
N THR C 123 9.09 -8.37 -28.30
CA THR C 123 9.90 -9.24 -27.44
C THR C 123 11.38 -9.17 -27.81
N VAL C 124 12.25 -9.41 -26.82
CA VAL C 124 13.69 -9.49 -27.08
C VAL C 124 14.28 -10.61 -26.24
N GLN C 125 15.50 -11.00 -26.58
CA GLN C 125 16.25 -11.94 -25.76
C GLN C 125 16.98 -11.13 -24.70
N ARG C 126 17.37 -11.78 -23.62
CA ARG C 126 18.12 -11.11 -22.57
C ARG C 126 19.38 -10.51 -23.19
N PRO C 127 19.55 -9.18 -23.07
CA PRO C 127 20.73 -8.53 -23.65
C PRO C 127 22.04 -8.91 -22.96
N VAL C 128 23.16 -8.47 -23.52
CA VAL C 128 24.47 -8.67 -22.89
C VAL C 128 25.17 -7.32 -22.76
N THR C 129 24.39 -6.27 -22.87
CA THR C 129 24.90 -4.92 -22.72
C THR C 129 24.02 -4.14 -21.73
N ILE C 130 24.49 -2.99 -21.32
CA ILE C 130 23.60 -2.00 -20.71
C ILE C 130 23.74 -0.69 -21.51
N THR C 131 22.83 0.24 -21.29
CA THR C 131 22.87 1.51 -22.00
C THR C 131 23.07 2.65 -21.03
N LEU C 132 24.14 3.42 -21.25
CA LEU C 132 24.43 4.60 -20.44
C LEU C 132 24.02 5.86 -21.22
N LEU C 133 23.21 6.70 -20.59
CA LEU C 133 22.59 7.87 -21.23
C LEU C 133 22.63 9.08 -20.31
N GLY C 134 22.67 10.28 -20.87
CA GLY C 134 22.44 11.47 -20.08
C GLY C 134 23.66 12.38 -20.04
N ALA C 135 23.86 13.06 -18.92
CA ALA C 135 24.90 14.11 -18.83
C ALA C 135 26.25 13.50 -18.53
N VAL C 136 26.68 12.65 -19.44
CA VAL C 136 27.86 11.84 -19.20
C VAL C 136 28.60 11.60 -20.50
N SER C 137 29.92 11.56 -20.43
CA SER C 137 30.75 11.35 -21.60
C SER C 137 30.75 9.87 -21.98
N GLY C 138 30.97 9.57 -23.25
CA GLY C 138 31.00 8.20 -23.71
C GLY C 138 29.64 7.50 -23.64
N ALA C 139 28.55 8.24 -23.83
CA ALA C 139 27.23 7.62 -23.71
C ALA C 139 27.03 6.56 -24.80
N GLY C 140 26.18 5.57 -24.53
CA GLY C 140 25.92 4.53 -25.49
C GLY C 140 25.88 3.16 -24.83
N GLN C 141 25.88 2.10 -25.62
CA GLN C 141 25.82 0.75 -25.08
C GLN C 141 27.17 0.34 -24.57
N LEU C 142 27.20 -0.31 -23.40
CA LEU C 142 28.41 -0.83 -22.82
C LEU C 142 28.20 -2.33 -22.57
N PRO C 143 29.28 -3.11 -22.63
CA PRO C 143 29.18 -4.52 -22.28
C PRO C 143 28.74 -4.70 -20.83
N TRP C 144 27.82 -5.64 -20.59
CA TRP C 144 27.44 -5.97 -19.23
C TRP C 144 28.44 -7.00 -18.68
N LEU C 145 28.90 -6.79 -17.46
CA LEU C 145 29.84 -7.72 -16.80
C LEU C 145 29.29 -8.15 -15.45
N ALA C 146 29.35 -9.45 -15.16
CA ALA C 146 28.84 -9.98 -13.90
C ALA C 146 29.52 -9.33 -12.67
N GLY C 147 28.72 -8.87 -11.72
CA GLY C 147 29.24 -8.31 -10.49
C GLY C 147 29.56 -6.82 -10.55
N ARG C 148 29.50 -6.23 -11.73
CA ARG C 148 29.94 -4.84 -11.88
C ARG C 148 28.85 -3.88 -11.35
N SER C 149 29.26 -2.89 -10.56
CA SER C 149 28.32 -1.93 -9.97
C SER C 149 28.13 -0.72 -10.90
N VAL C 150 27.12 0.12 -10.60
CA VAL C 150 26.93 1.36 -11.36
C VAL C 150 28.19 2.22 -11.31
N THR C 151 28.79 2.35 -10.13
CA THR C 151 30.00 3.18 -10.05
C THR C 151 31.16 2.55 -10.84
N ASP C 152 31.25 1.22 -10.89
CA ASP C 152 32.22 0.55 -11.78
C ASP C 152 32.01 0.93 -13.26
N TYR C 153 30.77 0.87 -13.74
CA TYR C 153 30.49 1.20 -15.14
C TYR C 153 30.86 2.64 -15.49
N LEU C 154 30.77 3.53 -14.50
CA LEU C 154 31.04 4.96 -14.71
C LEU C 154 32.52 5.34 -14.69
N GLN C 155 33.40 4.40 -14.36
CA GLN C 155 34.79 4.78 -14.06
C GLN C 155 35.50 5.56 -15.16
N ASP C 156 35.36 5.10 -16.40
CA ASP C 156 35.99 5.79 -17.54
C ASP C 156 34.95 6.61 -18.32
N HIS C 157 33.91 7.06 -17.62
CA HIS C 157 32.89 7.92 -18.21
C HIS C 157 32.72 9.18 -17.35
N PRO C 158 33.61 10.17 -17.57
CA PRO C 158 33.47 11.37 -16.74
C PRO C 158 32.16 12.08 -17.04
N ARG C 159 31.64 12.79 -16.04
CA ARG C 159 30.36 13.44 -16.12
C ARG C 159 30.49 14.74 -16.91
N LEU C 160 29.41 15.17 -17.54
CA LEU C 160 29.42 16.47 -18.22
C LEU C 160 28.99 17.59 -17.27
N ALA C 161 29.33 18.83 -17.62
CA ALA C 161 28.94 20.01 -16.87
C ALA C 161 27.42 20.04 -16.71
N GLY C 162 26.95 20.29 -15.50
CA GLY C 162 25.54 20.38 -15.25
C GLY C 162 24.91 19.08 -14.79
N ALA C 163 25.72 18.02 -14.73
CA ALA C 163 25.21 16.69 -14.37
C ALA C 163 24.81 16.58 -12.90
N ASP C 164 23.79 15.77 -12.62
CA ASP C 164 23.42 15.37 -11.26
C ASP C 164 24.68 14.82 -10.61
N LYS C 165 25.06 15.38 -9.47
CA LYS C 165 26.29 14.95 -8.80
C LYS C 165 26.05 13.75 -7.89
N ASN C 166 24.79 13.41 -7.65
CA ASN C 166 24.48 12.47 -6.58
C ASN C 166 24.02 11.05 -7.00
N ASN C 167 23.28 10.94 -8.09
CA ASN C 167 22.57 9.71 -8.42
C ASN C 167 22.48 9.43 -9.90
N VAL C 168 22.39 8.13 -10.20
CA VAL C 168 22.06 7.62 -11.50
C VAL C 168 20.72 6.90 -11.35
N MSE C 169 19.86 6.95 -12.35
CA MSE C 169 18.61 6.17 -12.32
C MSE C 169 18.81 4.89 -13.14
O MSE C 169 19.12 4.93 -14.32
CB MSE C 169 17.44 6.96 -12.89
CG MSE C 169 16.08 6.30 -12.66
SE MSE C 169 15.62 6.20 -10.75
CE MSE C 169 16.16 8.02 -10.25
H MSE C 169 19.95 7.43 -13.06
HA MSE C 169 18.41 5.93 -11.39
HB2 MSE C 169 17.43 7.83 -12.46
HB3 MSE C 169 17.57 7.06 -13.85
HG2 MSE C 169 15.40 6.81 -13.11
HG3 MSE C 169 16.10 5.39 -13.01
HE1 MSE C 169 16.00 8.15 -9.32
HE2 MSE C 169 17.10 8.13 -10.44
HE3 MSE C 169 15.64 8.64 -10.76
N VAL C 170 18.66 3.73 -12.48
CA VAL C 170 18.72 2.47 -13.19
C VAL C 170 17.31 2.17 -13.65
N ILE C 171 17.14 1.91 -14.94
CA ILE C 171 15.85 1.54 -15.47
C ILE C 171 15.98 0.11 -15.98
N THR C 172 15.29 -0.80 -15.31
CA THR C 172 15.39 -2.21 -15.70
C THR C 172 14.67 -2.45 -17.02
N PRO C 173 14.92 -3.61 -17.64
CA PRO C 173 14.21 -3.90 -18.89
C PRO C 173 12.69 -3.92 -18.73
N GLU C 174 12.21 -4.28 -17.54
CA GLU C 174 10.76 -4.31 -17.27
C GLU C 174 10.21 -2.89 -17.08
N GLY C 175 11.11 -1.91 -17.03
CA GLY C 175 10.72 -0.52 -16.83
C GLY C 175 10.62 -0.07 -15.37
N GLU C 176 11.07 -0.91 -14.43
CA GLU C 176 11.18 -0.48 -13.03
C GLU C 176 12.39 0.47 -12.85
N THR C 177 12.33 1.36 -11.87
CA THR C 177 13.43 2.29 -11.64
C THR C 177 14.04 2.07 -10.25
N VAL C 178 15.37 2.15 -10.18
CA VAL C 178 16.08 2.04 -8.91
C VAL C 178 17.06 3.19 -8.84
N VAL C 179 17.05 3.96 -7.76
CA VAL C 179 18.01 5.04 -7.59
C VAL C 179 19.37 4.45 -7.21
N ALA C 180 20.42 4.83 -7.91
CA ALA C 180 21.74 4.29 -7.64
C ALA C 180 22.66 5.44 -7.28
N PRO C 181 22.99 5.57 -6.00
CA PRO C 181 23.88 6.68 -5.60
C PRO C 181 25.25 6.55 -6.26
N VAL C 182 25.86 7.67 -6.63
CA VAL C 182 27.18 7.62 -7.24
C VAL C 182 28.16 8.65 -6.64
N ALA C 183 27.87 9.16 -5.47
CA ALA C 183 28.84 10.03 -4.79
C ALA C 183 29.43 9.36 -3.56
N LEU C 184 30.54 9.87 -3.08
CA LEU C 184 31.13 9.30 -1.87
C LEU C 184 30.15 9.37 -0.69
N TRP C 185 29.50 10.51 -0.51
CA TRP C 185 28.73 10.74 0.73
C TRP C 185 27.48 9.84 0.81
N ASN C 186 26.93 9.44 -0.34
CA ASN C 186 25.72 8.61 -0.33
C ASN C 186 25.92 7.20 -0.91
N LYS C 187 27.17 6.80 -1.05
CA LYS C 187 27.57 5.56 -1.72
C LYS C 187 26.71 4.35 -1.35
N ARG C 188 26.29 3.59 -2.35
CA ARG C 188 25.56 2.36 -2.12
C ARG C 188 25.77 1.46 -3.32
N HIS C 189 26.31 0.27 -3.09
CA HIS C 189 26.58 -0.70 -4.15
C HIS C 189 25.28 -1.12 -4.84
N VAL C 190 25.21 -0.89 -6.16
CA VAL C 190 24.09 -1.35 -6.97
C VAL C 190 24.65 -1.98 -8.26
N GLU C 191 24.23 -3.19 -8.60
CA GLU C 191 24.66 -3.85 -9.81
C GLU C 191 23.45 -3.95 -10.74
N PRO C 192 23.48 -3.23 -11.87
CA PRO C 192 22.33 -3.25 -12.79
C PRO C 192 22.25 -4.56 -13.55
N PRO C 193 21.02 -5.03 -13.82
CA PRO C 193 20.93 -6.29 -14.58
C PRO C 193 21.12 -6.05 -16.08
N PRO C 194 21.36 -7.12 -16.84
CA PRO C 194 21.52 -7.04 -18.30
C PRO C 194 20.35 -6.33 -18.97
N GLY C 195 20.66 -5.40 -19.85
CA GLY C 195 19.63 -4.71 -20.62
C GLY C 195 19.12 -3.45 -19.94
N SER C 196 19.66 -3.12 -18.77
CA SER C 196 19.22 -1.93 -18.05
C SER C 196 19.70 -0.69 -18.80
N GLN C 197 19.01 0.43 -18.56
CA GLN C 197 19.49 1.76 -18.97
C GLN C 197 19.93 2.50 -17.71
N LEU C 198 21.09 3.14 -17.77
CA LEU C 198 21.59 3.97 -16.69
C LEU C 198 21.47 5.42 -17.12
N TRP C 199 20.58 6.17 -16.49
CA TRP C 199 20.28 7.55 -16.82
C TRP C 199 20.98 8.47 -15.82
N LEU C 200 21.84 9.34 -16.31
CA LEU C 200 22.48 10.31 -15.44
C LEU C 200 21.90 11.67 -15.80
N GLY C 201 21.12 12.25 -14.90
CA GLY C 201 20.33 13.43 -15.24
C GLY C 201 21.02 14.76 -14.99
N PHE C 202 20.24 15.83 -15.04
CA PHE C 202 20.76 17.18 -14.77
C PHE C 202 20.66 17.51 -13.30
N SER C 203 21.62 18.25 -12.77
CA SER C 203 21.56 18.67 -11.37
C SER C 203 20.39 19.59 -11.11
N ALA C 204 19.82 19.47 -9.91
CA ALA C 204 18.76 20.37 -9.48
C ALA C 204 19.25 21.83 -9.48
N HIS C 205 20.53 22.02 -9.22
CA HIS C 205 21.08 23.35 -9.14
C HIS C 205 21.10 24.06 -10.49
N VAL C 206 21.11 23.29 -11.58
CA VAL C 206 21.22 23.88 -12.91
C VAL C 206 19.88 23.93 -13.66
N LEU C 207 18.95 23.05 -13.32
CA LEU C 207 17.62 23.07 -13.93
C LEU C 207 16.81 24.29 -13.48
N PRO C 208 16.41 25.14 -14.44
CA PRO C 208 15.53 26.25 -14.09
C PRO C 208 14.17 25.76 -13.58
N GLU C 209 13.48 26.60 -12.82
CA GLU C 209 12.18 26.25 -12.26
C GLU C 209 11.24 25.79 -13.38
N LYS C 210 11.40 26.42 -14.53
CA LYS C 210 10.57 26.20 -15.71
C LYS C 210 10.65 24.75 -16.20
N TYR C 211 11.80 24.11 -16.01
CA TYR C 211 12.00 22.72 -16.44
C TYR C 211 12.30 21.79 -15.26
N ALA C 212 11.76 22.13 -14.09
CA ALA C 212 12.03 21.36 -12.87
C ALA C 212 11.69 19.86 -12.99
N ASP C 213 10.61 19.55 -13.69
CA ASP C 213 10.16 18.17 -13.86
C ASP C 213 10.96 17.39 -14.92
N LEU C 214 11.95 18.03 -15.55
CA LEU C 214 12.54 17.47 -16.78
C LEU C 214 13.23 16.12 -16.60
N ASN C 215 13.95 15.93 -15.48
CA ASN C 215 14.59 14.63 -15.26
C ASN C 215 13.56 13.52 -15.16
N ASP C 216 12.51 13.77 -14.42
CA ASP C 216 11.45 12.76 -14.26
C ASP C 216 10.74 12.48 -15.57
N GLN C 217 10.51 13.52 -16.36
CA GLN C 217 9.84 13.35 -17.67
C GLN C 217 10.66 12.49 -18.62
N ILE C 218 11.98 12.70 -18.60
CA ILE C 218 12.89 11.85 -19.37
C ILE C 218 12.89 10.42 -18.84
N VAL C 219 12.96 10.25 -17.52
CA VAL C 219 12.90 8.89 -16.99
C VAL C 219 11.63 8.19 -17.49
N SER C 220 10.51 8.92 -17.47
CA SER C 220 9.24 8.36 -17.91
CA SER C 220 9.24 8.36 -17.91
C SER C 220 9.32 7.87 -19.36
N VAL C 221 9.99 8.65 -20.21
CA VAL C 221 10.16 8.26 -21.61
C VAL C 221 10.97 6.97 -21.70
N LEU C 222 12.06 6.90 -20.94
CA LEU C 222 12.96 5.75 -21.02
C LEU C 222 12.33 4.47 -20.44
N THR C 223 11.43 4.59 -19.44
CA THR C 223 10.81 3.40 -18.85
C THR C 223 9.86 2.73 -19.84
N GLN C 224 9.56 3.42 -20.93
CA GLN C 224 8.62 2.87 -21.89
C GLN C 224 9.26 2.33 -23.14
N ARG C 225 10.54 2.06 -23.09
CA ARG C 225 11.15 1.53 -24.28
C ARG C 225 12.14 0.47 -23.89
N VAL C 226 12.44 -0.39 -24.85
CA VAL C 226 13.54 -1.33 -24.74
C VAL C 226 14.58 -0.87 -25.76
N PRO C 227 15.82 -0.66 -25.30
CA PRO C 227 16.87 -0.12 -26.18
C PRO C 227 17.07 -0.95 -27.44
N GLU C 228 17.45 -0.31 -28.54
CA GLU C 228 17.66 -1.00 -29.81
C GLU C 228 19.07 -1.59 -29.88
N GLN D 3 36.36 -18.58 -5.38
CA GLN D 3 36.59 -19.53 -4.29
C GLN D 3 35.50 -20.60 -4.24
N GLY D 4 34.27 -20.23 -4.56
CA GLY D 4 33.13 -21.16 -4.50
C GLY D 4 33.17 -22.26 -5.54
N MSE D 5 32.89 -23.49 -5.12
CA MSE D 5 32.71 -24.61 -6.04
C MSE D 5 31.29 -25.12 -5.91
O MSE D 5 30.91 -25.65 -4.87
CB MSE D 5 33.67 -25.76 -5.72
CG MSE D 5 35.15 -25.40 -5.73
SE MSE D 5 35.81 -24.70 -7.43
CE MSE D 5 35.02 -25.99 -8.67
H MSE D 5 32.78 -23.70 -4.29
HA MSE D 5 32.88 -24.32 -6.96
HB2 MSE D 5 33.46 -26.09 -4.83
HB3 MSE D 5 33.55 -26.46 -6.37
HG2 MSE D 5 35.31 -24.73 -5.05
HG3 MSE D 5 35.66 -26.20 -5.52
HE1 MSE D 5 35.27 -25.75 -9.57
HE2 MSE D 5 35.35 -26.86 -8.45
HE3 MSE D 5 34.07 -25.96 -8.58
N VAL D 6 30.50 -24.96 -6.96
CA VAL D 6 29.09 -25.33 -6.92
C VAL D 6 28.84 -26.62 -7.68
N THR D 7 28.23 -27.58 -6.98
CA THR D 7 27.74 -28.81 -7.59
C THR D 7 26.28 -28.57 -7.95
N ILE D 8 25.89 -28.85 -9.19
CA ILE D 8 24.52 -28.60 -9.65
C ILE D 8 23.79 -29.89 -9.97
N TYR D 9 22.68 -30.12 -9.27
CA TYR D 9 21.83 -31.27 -9.54
C TYR D 9 20.68 -30.88 -10.47
N LEU D 10 20.59 -31.57 -11.60
CA LEU D 10 19.51 -31.37 -12.56
C LEU D 10 18.39 -32.38 -12.26
N PRO D 11 17.15 -32.00 -12.57
CA PRO D 11 16.04 -32.92 -12.32
C PRO D 11 15.96 -34.00 -13.38
N GLY D 12 15.69 -35.24 -12.98
CA GLY D 12 15.52 -36.33 -13.93
C GLY D 12 16.80 -36.79 -14.58
N GLU D 13 17.94 -36.41 -14.00
CA GLU D 13 19.23 -36.85 -14.50
C GLU D 13 20.07 -37.42 -13.38
N GLN D 14 20.77 -38.52 -13.66
CA GLN D 14 21.63 -39.15 -12.68
C GLN D 14 22.91 -38.35 -12.53
N GLN D 15 23.35 -37.74 -13.62
CA GLN D 15 24.62 -37.04 -13.65
C GLN D 15 24.46 -35.57 -13.29
N THR D 16 25.43 -35.06 -12.53
CA THR D 16 25.39 -33.68 -12.07
C THR D 16 26.48 -32.85 -12.74
N LEU D 17 26.36 -31.53 -12.62
CA LEU D 17 27.30 -30.63 -13.26
C LEU D 17 28.14 -29.92 -12.20
N SER D 18 29.35 -29.52 -12.60
CA SER D 18 30.24 -28.79 -11.71
C SER D 18 30.51 -27.43 -12.32
N VAL D 19 30.46 -26.39 -11.49
CA VAL D 19 30.73 -25.04 -11.93
C VAL D 19 31.58 -24.35 -10.88
N GLY D 20 32.62 -23.64 -11.31
CA GLY D 20 33.54 -22.98 -10.40
C GLY D 20 34.97 -23.14 -10.89
N PRO D 21 35.91 -22.38 -10.30
CA PRO D 21 35.63 -21.44 -9.20
C PRO D 21 34.71 -20.32 -9.62
N VAL D 22 33.87 -19.87 -8.70
CA VAL D 22 33.09 -18.66 -8.90
C VAL D 22 33.24 -17.78 -7.65
N GLU D 23 33.51 -16.51 -7.86
CA GLU D 23 33.79 -15.62 -6.74
C GLU D 23 32.52 -15.22 -6.03
N ASN D 24 31.40 -15.22 -6.77
CA ASN D 24 30.15 -14.72 -6.24
C ASN D 24 28.96 -15.23 -7.05
N VAL D 25 27.76 -14.94 -6.55
CA VAL D 25 26.52 -15.42 -7.17
C VAL D 25 26.28 -14.85 -8.57
N ALA D 26 26.68 -13.60 -8.79
CA ALA D 26 26.49 -12.98 -10.08
C ALA D 26 27.20 -13.81 -11.16
N GLN D 27 28.44 -14.21 -10.88
CA GLN D 27 29.21 -15.03 -11.81
C GLN D 27 28.63 -16.43 -11.93
N LEU D 28 28.15 -16.97 -10.81
CA LEU D 28 27.50 -18.28 -10.84
C LEU D 28 26.34 -18.35 -11.84
N VAL D 29 25.39 -17.41 -11.74
CA VAL D 29 24.17 -17.50 -12.54
C VAL D 29 24.42 -17.07 -13.97
N THR D 30 25.59 -16.51 -14.22
CA THR D 30 25.99 -16.13 -15.58
C THR D 30 26.64 -17.29 -16.34
N GLN D 31 27.02 -18.35 -15.65
CA GLN D 31 27.67 -19.48 -16.32
C GLN D 31 26.83 -19.94 -17.51
N PRO D 32 27.49 -20.26 -18.64
CA PRO D 32 26.83 -20.74 -19.86
C PRO D 32 25.97 -21.98 -19.62
N GLN D 33 26.45 -22.89 -18.79
CA GLN D 33 25.71 -24.11 -18.50
C GLN D 33 24.35 -23.82 -17.83
N LEU D 34 24.24 -22.68 -17.14
CA LEU D 34 23.07 -22.39 -16.30
C LEU D 34 22.16 -21.26 -16.80
N ARG D 35 22.75 -20.14 -17.20
CA ARG D 35 21.99 -18.89 -17.36
C ARG D 35 20.66 -19.02 -18.10
N ASP D 36 20.64 -19.78 -19.19
CA ASP D 36 19.45 -19.90 -20.03
C ASP D 36 18.82 -21.28 -19.97
N ARG D 37 19.33 -22.12 -19.08
CA ARG D 37 18.82 -23.48 -18.97
C ARG D 37 17.92 -23.64 -17.75
N LEU D 38 18.20 -22.90 -16.68
CA LEU D 38 17.43 -23.07 -15.44
C LEU D 38 16.12 -22.29 -15.41
N TRP D 39 15.13 -22.85 -14.75
CA TRP D 39 13.97 -22.07 -14.31
C TRP D 39 14.37 -21.47 -12.96
N TRP D 40 14.84 -20.24 -12.99
CA TRP D 40 15.55 -19.68 -11.85
C TRP D 40 14.73 -19.53 -10.56
N PRO D 41 13.44 -19.19 -10.67
CA PRO D 41 12.67 -19.02 -9.43
C PRO D 41 12.64 -20.30 -8.59
N GLY D 42 12.81 -21.44 -9.25
CA GLY D 42 12.76 -22.72 -8.55
C GLY D 42 14.11 -23.24 -8.10
N ALA D 43 15.17 -22.53 -8.45
CA ALA D 43 16.54 -22.96 -8.13
C ALA D 43 16.93 -22.58 -6.70
N LEU D 44 17.75 -23.41 -6.08
CA LEU D 44 18.04 -23.25 -4.67
C LEU D 44 19.53 -23.49 -4.42
N LEU D 45 20.18 -22.52 -3.79
CA LEU D 45 21.58 -22.67 -3.40
C LEU D 45 21.68 -22.93 -1.89
N THR D 46 22.45 -23.93 -1.50
CA THR D 46 22.63 -24.23 -0.09
C THR D 46 24.08 -24.65 0.19
N ASP D 47 24.43 -24.83 1.47
CA ASP D 47 25.68 -25.48 1.86
C ASP D 47 25.50 -26.18 3.20
N SER D 48 26.59 -26.73 3.74
CA SER D 48 26.49 -27.61 4.91
C SER D 48 25.86 -26.90 6.10
N ALA D 49 26.26 -25.67 6.36
CA ALA D 49 25.74 -24.92 7.51
C ALA D 49 24.25 -24.57 7.33
N ALA D 50 23.88 -24.10 6.15
CA ALA D 50 22.47 -23.84 5.82
C ALA D 50 21.61 -25.10 5.96
N LYS D 51 22.13 -26.23 5.49
CA LYS D 51 21.38 -27.48 5.56
C LYS D 51 21.22 -27.98 7.01
N ALA D 52 22.29 -27.85 7.81
CA ALA D 52 22.23 -28.29 9.20
C ALA D 52 21.24 -27.44 9.99
N LYS D 53 21.23 -26.12 9.75
CA LYS D 53 20.27 -25.26 10.43
C LYS D 53 18.84 -25.60 10.05
N ALA D 54 18.57 -25.74 8.76
CA ALA D 54 17.24 -26.11 8.27
C ALA D 54 16.78 -27.43 8.89
N LEU D 55 17.70 -28.36 9.08
CA LEU D 55 17.36 -29.67 9.62
C LEU D 55 16.98 -29.59 11.09
N LYS D 56 17.74 -28.81 11.85
CA LYS D 56 17.38 -28.57 13.24
C LYS D 56 16.00 -27.91 13.30
N ASP D 57 15.76 -26.95 12.41
CA ASP D 57 14.51 -26.20 12.42
C ASP D 57 13.34 -27.14 12.13
N TYR D 58 13.51 -27.97 11.10
CA TYR D 58 12.49 -28.94 10.72
C TYR D 58 12.19 -29.90 11.87
N GLN D 59 13.24 -30.47 12.44
CA GLN D 59 13.09 -31.43 13.51
C GLN D 59 12.37 -30.80 14.70
N HIS D 60 12.66 -29.52 14.98
CA HIS D 60 12.00 -28.81 16.06
C HIS D 60 10.50 -28.65 15.78
N VAL D 61 10.13 -28.36 14.53
CA VAL D 61 8.72 -28.20 14.18
C VAL D 61 7.97 -29.52 14.35
N MSE D 62 8.57 -30.61 13.85
CA MSE D 62 7.95 -31.93 13.95
C MSE D 62 7.75 -32.36 15.41
O MSE D 62 6.69 -32.88 15.77
CB MSE D 62 8.77 -32.95 13.16
CG MSE D 62 8.88 -32.64 11.68
SE MSE D 62 7.14 -32.58 10.75
CE MSE D 62 6.62 -34.46 10.87
H MSE D 62 9.32 -30.60 13.46
HA MSE D 62 7.06 -31.89 13.52
HB2 MSE D 62 9.67 -32.98 13.53
HB3 MSE D 62 8.35 -33.82 13.25
HG2 MSE D 62 9.32 -31.78 11.57
HG3 MSE D 62 9.42 -33.33 11.25
HE1 MSE D 62 5.77 -34.58 10.44
HE2 MSE D 62 7.29 -34.98 10.42
HE3 MSE D 62 6.57 -34.70 11.79
N ALA D 63 8.76 -32.13 16.25
CA ALA D 63 8.68 -32.45 17.66
C ALA D 63 7.61 -31.62 18.36
N GLN D 64 7.53 -30.34 17.99
CA GLN D 64 6.52 -29.48 18.58
C GLN D 64 5.12 -29.93 18.17
N LEU D 65 4.94 -30.32 16.90
CA LEU D 65 3.63 -30.81 16.45
C LEU D 65 3.24 -32.09 17.19
N ALA D 66 4.22 -32.93 17.50
CA ALA D 66 3.96 -34.21 18.16
C ALA D 66 3.54 -34.02 19.62
N SER D 67 4.23 -33.12 20.30
CA SER D 67 3.93 -32.82 21.69
C SER D 67 2.58 -32.13 21.81
N TRP D 68 2.33 -31.17 20.93
CA TRP D 68 1.07 -30.45 20.91
C TRP D 68 -0.09 -31.41 20.64
N GLU D 69 0.11 -32.28 19.67
CA GLU D 69 -0.91 -33.29 19.35
C GLU D 69 -1.31 -34.07 20.62
N ALA D 70 -0.33 -34.48 21.41
CA ALA D 70 -0.58 -35.30 22.60
C ALA D 70 -1.31 -34.54 23.72
N GLU D 71 -1.26 -33.22 23.66
CA GLU D 71 -1.82 -32.38 24.70
C GLU D 71 -3.20 -31.79 24.36
N ALA D 72 -3.46 -31.57 23.08
CA ALA D 72 -4.61 -30.77 22.63
C ALA D 72 -5.95 -31.52 22.74
N ASP D 73 -7.06 -30.78 22.63
CA ASP D 73 -8.39 -31.39 22.50
C ASP D 73 -8.43 -32.39 21.33
N ASP D 74 -9.30 -33.39 21.42
CA ASP D 74 -9.38 -34.43 20.40
C ASP D 74 -9.60 -33.89 18.98
N ASP D 75 -10.43 -32.86 18.84
CA ASP D 75 -10.75 -32.35 17.51
C ASP D 75 -9.51 -31.62 16.94
N VAL D 76 -8.88 -30.78 17.74
CA VAL D 76 -7.68 -30.07 17.28
C VAL D 76 -6.54 -31.05 17.03
N ALA D 77 -6.48 -32.10 17.84
CA ALA D 77 -5.41 -33.09 17.73
C ALA D 77 -5.44 -33.81 16.37
N ALA D 78 -6.64 -34.02 15.84
CA ALA D 78 -6.80 -34.62 14.50
C ALA D 78 -6.24 -33.69 13.42
N THR D 79 -6.44 -32.39 13.59
CA THR D 79 -5.91 -31.44 12.63
C THR D 79 -4.38 -31.45 12.71
N ILE D 80 -3.85 -31.46 13.93
CA ILE D 80 -2.40 -31.41 14.10
C ILE D 80 -1.79 -32.63 13.47
N LYS D 81 -2.48 -33.77 13.62
CA LYS D 81 -2.02 -35.01 13.01
C LYS D 81 -1.97 -34.90 11.50
N SER D 82 -3.02 -34.37 10.89
CA SER D 82 -3.05 -34.20 9.46
C SER D 82 -1.86 -33.34 8.98
N VAL D 83 -1.57 -32.28 9.72
CA VAL D 83 -0.54 -31.34 9.31
C VAL D 83 0.84 -31.99 9.42
N ARG D 84 1.05 -32.73 10.50
CA ARG D 84 2.32 -33.42 10.69
C ARG D 84 2.51 -34.45 9.57
N GLN D 85 1.44 -35.14 9.21
CA GLN D 85 1.51 -36.09 8.10
C GLN D 85 1.87 -35.41 6.79
N GLN D 86 1.29 -34.23 6.54
CA GLN D 86 1.63 -33.47 5.33
C GLN D 86 3.10 -33.05 5.31
N LEU D 87 3.71 -32.89 6.48
CA LEU D 87 5.07 -32.34 6.57
C LEU D 87 6.12 -33.44 6.70
N LEU D 88 5.65 -34.69 6.66
CA LEU D 88 6.49 -35.86 6.90
C LEU D 88 7.56 -36.08 5.82
N ASN D 89 7.19 -35.88 4.55
CA ASN D 89 8.06 -36.26 3.44
C ASN D 89 8.85 -35.09 2.83
N LEU D 90 9.18 -34.09 3.64
CA LEU D 90 9.85 -32.90 3.15
C LEU D 90 11.31 -33.15 2.84
N ASN D 91 11.72 -32.77 1.64
CA ASN D 91 13.12 -32.84 1.27
C ASN D 91 13.83 -31.59 1.78
N ILE D 92 14.52 -31.71 2.91
CA ILE D 92 15.12 -30.56 3.58
C ILE D 92 16.55 -30.32 3.12
N THR D 93 16.80 -29.21 2.46
CA THR D 93 18.11 -28.92 1.88
C THR D 93 18.80 -27.70 2.51
N GLY D 94 18.01 -26.84 3.13
CA GLY D 94 18.46 -25.52 3.53
C GLY D 94 18.44 -24.59 2.32
N ARG D 95 18.61 -23.29 2.56
CA ARG D 95 18.57 -22.30 1.48
C ARG D 95 19.29 -21.03 1.90
N LEU D 96 20.41 -20.75 1.26
CA LEU D 96 21.11 -19.50 1.53
C LEU D 96 20.23 -18.34 1.06
N PRO D 97 20.24 -17.22 1.80
CA PRO D 97 19.43 -16.05 1.47
C PRO D 97 19.97 -15.24 0.26
N VAL D 98 20.50 -15.92 -0.74
CA VAL D 98 20.94 -15.27 -1.98
C VAL D 98 19.79 -15.23 -3.00
N LYS D 99 19.76 -14.18 -3.82
CA LYS D 99 18.83 -14.12 -4.95
C LYS D 99 19.53 -14.65 -6.19
N LEU D 100 18.99 -15.70 -6.81
CA LEU D 100 19.66 -16.32 -7.96
C LEU D 100 19.29 -15.65 -9.30
N ASP D 101 18.12 -15.04 -9.34
CA ASP D 101 17.59 -14.35 -10.52
C ASP D 101 18.66 -13.52 -11.28
N PRO D 102 19.00 -13.92 -12.53
CA PRO D 102 20.00 -13.18 -13.32
C PRO D 102 19.56 -11.76 -13.68
N ASP D 103 18.25 -11.51 -13.62
CA ASP D 103 17.72 -10.21 -13.96
C ASP D 103 17.45 -9.35 -12.74
N PHE D 104 17.92 -9.81 -11.60
CA PHE D 104 17.72 -9.09 -10.36
C PHE D 104 18.70 -7.89 -10.24
N VAL D 105 18.20 -6.78 -9.71
CA VAL D 105 19.06 -5.63 -9.37
C VAL D 105 19.70 -5.89 -7.99
N ARG D 106 20.96 -6.24 -7.97
CA ARG D 106 21.60 -6.61 -6.70
C ARG D 106 22.04 -5.35 -5.99
N VAL D 107 21.63 -5.21 -4.73
CA VAL D 107 21.93 -3.99 -4.02
C VAL D 107 22.46 -4.29 -2.63
N ASP D 108 23.51 -3.55 -2.26
CA ASP D 108 24.08 -3.56 -0.92
C ASP D 108 25.18 -4.58 -0.72
N GLU D 109 25.69 -4.61 0.51
CA GLU D 109 26.79 -5.47 0.92
C GLU D 109 26.45 -6.96 0.81
N ASN D 110 25.16 -7.28 0.81
CA ASN D 110 24.72 -8.67 0.92
C ASN D 110 23.90 -9.21 -0.27
N SER D 111 24.01 -8.57 -1.43
CA SER D 111 23.21 -8.99 -2.59
C SER D 111 24.05 -9.69 -3.66
N ASN D 112 25.36 -9.48 -3.62
CA ASN D 112 26.26 -10.32 -4.41
C ASN D 112 27.29 -10.99 -3.49
N PRO D 113 26.79 -11.82 -2.55
CA PRO D 113 27.62 -12.51 -1.55
C PRO D 113 28.76 -13.29 -2.17
N PRO D 114 29.98 -13.08 -1.66
CA PRO D 114 31.11 -13.93 -2.07
C PRO D 114 30.79 -15.39 -1.78
N LEU D 115 31.28 -16.28 -2.64
CA LEU D 115 31.13 -17.71 -2.44
C LEU D 115 32.49 -18.25 -2.04
N VAL D 116 32.53 -18.99 -0.94
CA VAL D 116 33.79 -19.46 -0.38
C VAL D 116 33.93 -20.98 -0.46
N GLY D 117 33.27 -21.69 0.44
CA GLY D 117 33.40 -23.14 0.47
C GLY D 117 32.76 -23.84 -0.71
N ASP D 118 32.29 -25.07 -0.47
CA ASP D 118 31.54 -25.82 -1.45
C ASP D 118 30.07 -25.48 -1.27
N TYR D 119 29.32 -25.52 -2.36
CA TYR D 119 27.88 -25.26 -2.36
C TYR D 119 27.16 -26.27 -3.24
N THR D 120 25.84 -26.38 -3.06
CA THR D 120 25.03 -27.25 -3.89
C THR D 120 23.85 -26.46 -4.44
N LEU D 121 23.54 -26.67 -5.72
CA LEU D 121 22.44 -25.95 -6.37
C LEU D 121 21.41 -26.95 -6.86
N TYR D 122 20.24 -26.96 -6.23
CA TYR D 122 19.17 -27.84 -6.63
C TYR D 122 18.26 -27.09 -7.59
N THR D 123 17.83 -27.75 -8.65
CA THR D 123 17.00 -27.11 -9.67
C THR D 123 15.81 -27.98 -10.00
N VAL D 124 14.74 -27.36 -10.47
CA VAL D 124 13.56 -28.09 -10.94
C VAL D 124 12.98 -27.41 -12.16
N GLN D 125 12.15 -28.14 -12.89
CA GLN D 125 11.45 -27.58 -14.05
C GLN D 125 10.26 -26.77 -13.55
N ARG D 126 9.87 -25.76 -14.32
CA ARG D 126 8.70 -24.96 -13.96
C ARG D 126 7.49 -25.89 -13.82
N PRO D 127 6.81 -25.84 -12.68
CA PRO D 127 5.71 -26.78 -12.48
C PRO D 127 4.44 -26.24 -13.13
N VAL D 128 3.41 -27.09 -13.22
CA VAL D 128 2.08 -26.64 -13.61
C VAL D 128 1.11 -26.78 -12.43
N THR D 129 1.65 -26.71 -11.22
CA THR D 129 0.81 -26.85 -10.02
C THR D 129 1.24 -25.88 -8.94
N ILE D 130 0.39 -25.69 -7.93
CA ILE D 130 0.80 -25.10 -6.68
C ILE D 130 0.57 -26.15 -5.59
N THR D 131 1.11 -25.93 -4.39
CA THR D 131 0.89 -26.88 -3.29
C THR D 131 0.08 -26.22 -2.20
N LEU D 132 -1.02 -26.86 -1.79
CA LEU D 132 -1.79 -26.41 -0.62
C LEU D 132 -1.48 -27.28 0.61
N LEU D 133 -1.13 -26.64 1.73
CA LEU D 133 -0.77 -27.33 2.99
C LEU D 133 -1.34 -26.61 4.19
N GLY D 134 -1.50 -27.35 5.29
CA GLY D 134 -1.90 -26.76 6.55
C GLY D 134 -3.21 -27.33 7.07
N ALA D 135 -3.90 -26.51 7.87
CA ALA D 135 -5.15 -26.90 8.51
C ALA D 135 -6.29 -26.80 7.51
N VAL D 136 -6.22 -27.60 6.45
CA VAL D 136 -7.16 -27.48 5.34
C VAL D 136 -7.40 -28.86 4.74
N SER D 137 -8.63 -29.13 4.31
CA SER D 137 -8.97 -30.41 3.70
C SER D 137 -8.50 -30.45 2.25
N GLY D 138 -8.20 -31.65 1.75
CA GLY D 138 -7.73 -31.82 0.38
C GLY D 138 -6.39 -31.16 0.12
N ALA D 139 -5.53 -31.17 1.14
CA ALA D 139 -4.16 -30.66 0.99
C ALA D 139 -3.39 -31.43 -0.08
N GLY D 140 -2.53 -30.75 -0.82
CA GLY D 140 -1.68 -31.42 -1.79
C GLY D 140 -1.50 -30.55 -3.02
N GLN D 141 -1.14 -31.14 -4.14
CA GLN D 141 -0.88 -30.33 -5.33
C GLN D 141 -2.17 -30.02 -6.05
N LEU D 142 -2.34 -28.77 -6.46
CA LEU D 142 -3.50 -28.32 -7.23
C LEU D 142 -3.04 -27.85 -8.61
N PRO D 143 -3.86 -28.04 -9.65
CA PRO D 143 -3.43 -27.44 -10.92
C PRO D 143 -3.36 -25.92 -10.82
N TRP D 144 -2.28 -25.35 -11.34
CA TRP D 144 -2.13 -23.89 -11.40
C TRP D 144 -2.94 -23.38 -12.57
N LEU D 145 -3.74 -22.35 -12.33
CA LEU D 145 -4.52 -21.72 -13.40
C LEU D 145 -4.17 -20.24 -13.49
N ALA D 146 -3.61 -19.82 -14.62
CA ALA D 146 -3.28 -18.40 -14.75
C ALA D 146 -4.56 -17.60 -14.49
N GLY D 147 -4.43 -16.51 -13.72
CA GLY D 147 -5.55 -15.63 -13.46
C GLY D 147 -6.36 -15.97 -12.22
N ARG D 148 -6.11 -17.15 -11.67
CA ARG D 148 -6.88 -17.62 -10.54
C ARG D 148 -6.27 -17.12 -9.21
N SER D 149 -7.11 -16.72 -8.27
CA SER D 149 -6.63 -16.17 -7.00
C SER D 149 -6.50 -17.23 -5.89
N VAL D 150 -5.89 -16.85 -4.78
CA VAL D 150 -5.80 -17.73 -3.61
C VAL D 150 -7.21 -18.12 -3.14
N THR D 151 -8.10 -17.14 -3.12
CA THR D 151 -9.49 -17.39 -2.76
C THR D 151 -10.11 -18.43 -3.69
N ASP D 152 -9.87 -18.28 -4.98
CA ASP D 152 -10.39 -19.24 -5.96
C ASP D 152 -9.88 -20.66 -5.67
N TYR D 153 -8.61 -20.79 -5.37
CA TYR D 153 -8.04 -22.11 -5.14
C TYR D 153 -8.65 -22.78 -3.92
N LEU D 154 -9.17 -22.00 -2.98
CA LEU D 154 -9.62 -22.53 -1.69
C LEU D 154 -11.09 -23.01 -1.65
N GLN D 155 -11.89 -22.67 -2.65
CA GLN D 155 -13.36 -22.76 -2.50
C GLN D 155 -13.91 -24.15 -2.15
N ASP D 156 -13.33 -25.19 -2.76
CA ASP D 156 -13.68 -26.59 -2.44
C ASP D 156 -12.68 -27.22 -1.46
N HIS D 157 -12.04 -26.40 -0.64
CA HIS D 157 -11.12 -26.87 0.40
C HIS D 157 -11.50 -26.29 1.76
N PRO D 158 -12.51 -26.88 2.40
CA PRO D 158 -12.90 -26.39 3.73
C PRO D 158 -11.74 -26.43 4.73
N ARG D 159 -11.73 -25.48 5.67
CA ARG D 159 -10.69 -25.44 6.69
C ARG D 159 -10.99 -26.52 7.71
N LEU D 160 -9.95 -26.99 8.38
CA LEU D 160 -10.07 -27.98 9.44
C LEU D 160 -10.21 -27.27 10.80
N ALA D 161 -10.63 -28.01 11.81
CA ALA D 161 -10.75 -27.46 13.16
C ALA D 161 -9.41 -26.87 13.58
N GLY D 162 -9.46 -25.68 14.16
CA GLY D 162 -8.26 -25.05 14.68
C GLY D 162 -7.56 -24.17 13.64
N ALA D 163 -8.12 -24.03 12.44
CA ALA D 163 -7.44 -23.27 11.39
C ALA D 163 -7.57 -21.75 11.60
N ASP D 164 -6.60 -21.03 11.07
CA ASP D 164 -6.65 -19.59 10.92
C ASP D 164 -7.87 -19.27 10.08
N LYS D 165 -8.74 -18.39 10.56
CA LYS D 165 -9.98 -18.10 9.85
C LYS D 165 -9.83 -16.99 8.80
N ASN D 166 -8.72 -16.24 8.87
CA ASN D 166 -8.57 -15.01 8.08
C ASN D 166 -7.70 -15.13 6.84
N ASN D 167 -6.48 -15.64 6.99
CA ASN D 167 -5.44 -15.53 5.96
C ASN D 167 -4.88 -16.85 5.45
N VAL D 168 -4.19 -16.76 4.33
CA VAL D 168 -3.35 -17.83 3.83
C VAL D 168 -2.02 -17.16 3.54
N MSE D 169 -0.92 -17.87 3.81
CA MSE D 169 0.42 -17.34 3.50
C MSE D 169 0.87 -17.89 2.14
O MSE D 169 1.02 -19.10 1.98
CB MSE D 169 1.40 -17.72 4.59
CG MSE D 169 2.75 -17.04 4.45
SE MSE D 169 2.61 -15.10 4.78
CE MSE D 169 2.74 -15.13 6.73
H MSE D 169 -0.91 -18.64 4.18
HA MSE D 169 0.37 -16.36 3.45
HB2 MSE D 169 1.03 -17.48 5.45
HB3 MSE D 169 1.56 -18.68 4.55
HG2 MSE D 169 3.36 -17.41 5.11
HG3 MSE D 169 3.09 -17.17 3.56
HE1 MSE D 169 2.68 -14.23 7.06
HE2 MSE D 169 2.00 -15.65 7.08
HE3 MSE D 169 3.57 -15.52 6.99
N VAL D 170 1.05 -17.02 1.16
CA VAL D 170 1.60 -17.45 -0.11
C VAL D 170 3.12 -17.49 0.04
N ILE D 171 3.73 -18.60 -0.35
CA ILE D 171 5.18 -18.74 -0.34
C ILE D 171 5.61 -18.93 -1.79
N THR D 172 6.26 -17.93 -2.37
CA THR D 172 6.61 -18.03 -3.77
C THR D 172 7.70 -19.10 -3.93
N PRO D 173 7.94 -19.55 -5.16
CA PRO D 173 9.04 -20.52 -5.35
C PRO D 173 10.38 -19.99 -4.83
N GLU D 174 10.58 -18.68 -4.82
N GLU D 174 10.58 -18.68 -4.81
CA GLU D 174 11.86 -18.11 -4.36
CA GLU D 174 11.86 -18.12 -4.36
C GLU D 174 11.96 -18.09 -2.83
C GLU D 174 11.97 -18.15 -2.84
N GLY D 175 10.87 -18.45 -2.16
CA GLY D 175 10.84 -18.49 -0.71
C GLY D 175 10.35 -17.21 -0.07
N GLU D 176 9.82 -16.29 -0.88
CA GLU D 176 9.28 -15.03 -0.34
C GLU D 176 7.83 -15.25 0.11
N THR D 177 7.37 -14.46 1.07
CA THR D 177 6.05 -14.67 1.63
C THR D 177 5.16 -13.46 1.41
N VAL D 178 3.88 -13.73 1.23
CA VAL D 178 2.89 -12.72 0.96
C VAL D 178 1.60 -13.14 1.66
N VAL D 179 1.06 -12.27 2.50
CA VAL D 179 -0.18 -12.56 3.22
C VAL D 179 -1.39 -12.31 2.32
N ALA D 180 -2.27 -13.31 2.24
CA ALA D 180 -3.46 -13.22 1.40
C ALA D 180 -4.72 -13.39 2.25
N PRO D 181 -5.35 -12.28 2.62
CA PRO D 181 -6.65 -12.41 3.31
C PRO D 181 -7.64 -13.12 2.40
N VAL D 182 -8.38 -14.09 2.93
CA VAL D 182 -9.30 -14.83 2.09
C VAL D 182 -10.76 -14.65 2.51
N ALA D 183 -10.99 -14.08 3.69
CA ALA D 183 -12.34 -13.96 4.25
C ALA D 183 -13.03 -12.62 3.97
N LEU D 184 -12.27 -11.60 3.59
CA LEU D 184 -12.80 -10.25 3.38
C LEU D 184 -13.89 -10.18 2.31
N TRP D 185 -14.87 -9.30 2.52
CA TRP D 185 -16.05 -9.23 1.66
C TRP D 185 -15.69 -8.88 0.23
N ASN D 186 -15.00 -7.76 0.04
CA ASN D 186 -14.52 -7.43 -1.30
C ASN D 186 -13.27 -8.24 -1.58
N LYS D 187 -13.41 -9.18 -2.50
CA LYS D 187 -12.39 -10.21 -2.71
C LYS D 187 -11.04 -9.68 -3.13
N ARG D 188 -10.02 -10.02 -2.34
CA ARG D 188 -8.65 -9.66 -2.66
C ARG D 188 -8.13 -10.59 -3.73
N HIS D 189 -7.73 -10.05 -4.86
CA HIS D 189 -7.26 -10.88 -5.95
C HIS D 189 -5.73 -11.01 -5.93
N VAL D 190 -5.27 -12.04 -5.24
CA VAL D 190 -3.87 -12.38 -5.17
C VAL D 190 -3.65 -13.63 -6.00
N GLU D 191 -2.85 -13.52 -7.06
CA GLU D 191 -2.63 -14.66 -7.96
C GLU D 191 -1.25 -15.24 -7.72
N PRO D 192 -1.18 -16.48 -7.21
CA PRO D 192 0.13 -17.06 -6.90
C PRO D 192 0.78 -17.62 -8.16
N PRO D 193 2.11 -17.47 -8.28
CA PRO D 193 2.76 -18.04 -9.47
C PRO D 193 2.86 -19.55 -9.38
N PRO D 194 3.17 -20.22 -10.51
CA PRO D 194 3.38 -21.67 -10.51
C PRO D 194 4.46 -22.07 -9.50
N GLY D 195 4.19 -23.11 -8.73
CA GLY D 195 5.19 -23.67 -7.84
C GLY D 195 5.13 -23.07 -6.45
N SER D 196 4.22 -22.13 -6.25
CA SER D 196 4.04 -21.52 -4.95
C SER D 196 3.50 -22.57 -3.98
N GLN D 197 3.66 -22.29 -2.70
CA GLN D 197 2.99 -23.04 -1.65
C GLN D 197 1.99 -22.12 -0.96
N LEU D 198 0.82 -22.66 -0.67
CA LEU D 198 -0.21 -21.92 0.03
C LEU D 198 -0.35 -22.54 1.41
N TRP D 199 0.13 -21.83 2.44
CA TRP D 199 0.08 -22.34 3.80
C TRP D 199 -1.10 -21.76 4.56
N LEU D 200 -1.97 -22.64 5.06
CA LEU D 200 -3.08 -22.18 5.87
C LEU D 200 -2.82 -22.69 7.29
N GLY D 201 -2.40 -21.77 8.17
CA GLY D 201 -1.90 -22.17 9.48
C GLY D 201 -2.98 -22.41 10.53
N PHE D 202 -2.54 -22.56 11.77
CA PHE D 202 -3.38 -22.68 12.96
C PHE D 202 -3.83 -21.30 13.45
N SER D 203 -4.96 -21.22 14.13
CA SER D 203 -5.42 -19.92 14.64
C SER D 203 -4.63 -19.50 15.86
N ALA D 204 -4.42 -18.20 16.03
CA ALA D 204 -3.79 -17.68 17.23
C ALA D 204 -4.56 -18.11 18.48
N HIS D 205 -5.89 -18.15 18.38
CA HIS D 205 -6.72 -18.53 19.52
C HIS D 205 -6.48 -19.95 20.01
N VAL D 206 -6.09 -20.85 19.12
CA VAL D 206 -5.94 -22.26 19.50
C VAL D 206 -4.50 -22.62 19.85
N LEU D 207 -3.53 -21.83 19.38
CA LEU D 207 -2.15 -22.12 19.69
C LEU D 207 -1.84 -21.81 21.14
N PRO D 208 -1.39 -22.82 21.91
CA PRO D 208 -1.00 -22.50 23.29
C PRO D 208 0.21 -21.57 23.32
N GLU D 209 0.45 -20.92 24.45
CA GLU D 209 1.59 -20.01 24.57
C GLU D 209 2.86 -20.78 24.24
N LYS D 210 2.97 -21.98 24.79
CA LYS D 210 4.03 -22.92 24.49
C LYS D 210 4.43 -22.90 23.00
N TYR D 211 3.42 -22.87 22.13
CA TYR D 211 3.64 -23.02 20.69
C TYR D 211 3.35 -21.74 19.88
N ALA D 212 3.39 -20.59 20.54
CA ALA D 212 2.97 -19.34 19.89
C ALA D 212 3.67 -19.10 18.54
N ASP D 213 4.91 -19.56 18.41
CA ASP D 213 5.70 -19.26 17.22
C ASP D 213 5.62 -20.34 16.14
N LEU D 214 4.72 -21.32 16.33
CA LEU D 214 4.72 -22.51 15.48
C LEU D 214 4.36 -22.25 14.01
N ASN D 215 3.42 -21.36 13.73
CA ASN D 215 3.14 -21.00 12.33
C ASN D 215 4.38 -20.37 11.68
N ASP D 216 5.02 -19.45 12.37
CA ASP D 216 6.20 -18.77 11.82
C ASP D 216 7.30 -19.79 11.52
N GLN D 217 7.46 -20.75 12.42
CA GLN D 217 8.49 -21.75 12.29
C GLN D 217 8.21 -22.70 11.12
N ILE D 218 6.94 -23.03 10.93
CA ILE D 218 6.59 -23.89 9.81
C ILE D 218 6.82 -23.15 8.50
N VAL D 219 6.40 -21.90 8.44
CA VAL D 219 6.51 -21.14 7.20
C VAL D 219 8.00 -21.02 6.87
N SER D 220 8.81 -20.77 7.88
CA SER D 220 10.26 -20.68 7.69
C SER D 220 10.81 -21.97 7.07
N VAL D 221 10.43 -23.12 7.61
CA VAL D 221 10.83 -24.41 7.05
C VAL D 221 10.41 -24.60 5.60
N LEU D 222 9.17 -24.21 5.29
CA LEU D 222 8.65 -24.35 3.93
C LEU D 222 9.38 -23.43 2.93
N THR D 223 9.78 -22.24 3.35
CA THR D 223 10.48 -21.32 2.45
C THR D 223 11.86 -21.84 2.06
N GLN D 224 12.35 -22.86 2.75
CA GLN D 224 13.70 -23.37 2.56
C GLN D 224 13.75 -24.67 1.77
N ARG D 225 12.60 -25.26 1.51
CA ARG D 225 12.54 -26.45 0.68
C ARG D 225 11.90 -26.12 -0.68
N VAL D 226 12.30 -26.83 -1.73
CA VAL D 226 11.65 -26.66 -3.03
C VAL D 226 10.67 -27.81 -3.23
N PRO D 227 9.37 -27.48 -3.34
CA PRO D 227 8.34 -28.50 -3.52
C PRO D 227 8.62 -29.39 -4.73
N GLU D 228 8.11 -30.62 -4.69
CA GLU D 228 8.26 -31.57 -5.79
C GLU D 228 9.69 -31.61 -6.32
N LEU D 229 10.62 -31.85 -5.40
CA LEU D 229 12.01 -32.11 -5.73
C LEU D 229 12.31 -33.53 -5.27
N GLU D 230 12.42 -34.46 -6.21
CA GLU D 230 12.57 -35.88 -5.88
C GLU D 230 13.80 -36.16 -5.02
N HIS D 231 13.64 -37.04 -4.03
CA HIS D 231 14.74 -37.47 -3.19
C HIS D 231 15.80 -38.19 -4.01
S SO4 E . -30.75 -5.76 24.87
O1 SO4 E . -32.14 -5.40 24.64
O2 SO4 E . -29.91 -4.61 24.55
O3 SO4 E . -30.54 -6.14 26.27
O4 SO4 E . -30.39 -6.88 24.00
S SO4 F . -34.37 39.87 12.25
O1 SO4 F . -35.69 39.31 11.97
O2 SO4 F . -34.00 40.89 11.28
O3 SO4 F . -34.38 40.46 13.59
O4 SO4 F . -33.42 38.76 12.19
S SO4 G . -13.41 -24.39 14.38
O1 SO4 G . -12.86 -24.57 15.72
O2 SO4 G . -14.44 -23.37 14.37
O3 SO4 G . -12.33 -24.01 13.46
O4 SO4 G . -14.01 -25.63 13.91
#